data_2E4X
#
_entry.id   2E4X
#
_cell.length_a   83.621
_cell.length_b   97.137
_cell.length_c   108.158
_cell.angle_alpha   90.00
_cell.angle_beta   92.92
_cell.angle_gamma   90.00
#
_symmetry.space_group_name_H-M   'P 1 21 1'
#
loop_
_entity.id
_entity.type
_entity.pdbx_description
1 polymer 'Metabotropic glutamate receptor 3'
2 non-polymer 2-acetamido-2-deoxy-beta-D-glucopyranose
3 non-polymer '(1S,3R)-1-AMINOCYCLOPENTANE-1,3-DICARBOXYLIC ACID'
4 water water
#
_entity_poly.entity_id   1
_entity_poly.type   'polypeptide(L)'
_entity_poly.pdbx_seq_one_letter_code
;DHNFMRREIKIEGDLVLGGLFPINEKGTGTEECGRINEDRGIQRLEAMLFAIDEINKDNYLLPGVKLGVHILDTCSRDTY
ALEQSLEFVRASLTKVDEAEYMCPDGSYAIQENIPLLIAGVIGGSYSSVSIQVANLLRLFQIPQISYASTSAKLSDKSRY
DYFARTVPPDFYQAKAMAEILRFFNWTYVSTVASEGDYGETGIEAFEQEARLRNICIATAEKVGRSNIRKSYDSVIRELL
QKPNARVVVLFMRSDDSRELIAAANRVNASFTWVASDGWGAQESIVKGSEHVAYGAITLELASHPVRQFDRYFQSLNPYN
NHRNPWFRDFWEQKFQCSLQNKRNHRQVCDKHLAIDSSNYEQESKIMFVVNAVYAMAHALHKMQRTLCPQTTKLCDAMKI
LDGKKLYKEYLLKIQFTAPFNPNKGADSIVKFDTFGDGMGRYNVFNLQQTGGKYSYLKVGHWAETLSLDVDSIHWSRNSV
PTSQCSDPCAPNEMKNMQPGDVCCWICIPCEPYEYLVDEFTCMDCGPGQWPTADLSGCYNLPEDYIKWEDALVPR
;
_entity_poly.pdbx_strand_id   A,B
#
# COMPACT_ATOMS: atom_id res chain seq x y z
N ARG A 6 -28.64 -4.70 5.29
CA ARG A 6 -27.60 -5.58 5.90
C ARG A 6 -27.72 -7.02 5.39
N ARG A 7 -27.99 -7.17 4.09
CA ARG A 7 -28.12 -8.49 3.48
C ARG A 7 -26.78 -9.10 3.09
N GLU A 8 -26.75 -10.43 3.07
CA GLU A 8 -25.53 -11.15 2.73
C GLU A 8 -25.80 -12.63 2.58
N ILE A 9 -24.95 -13.32 1.83
CA ILE A 9 -25.07 -14.74 1.66
C ILE A 9 -23.96 -15.40 2.47
N LYS A 10 -24.34 -16.29 3.37
CA LYS A 10 -23.38 -16.99 4.21
C LYS A 10 -23.66 -18.49 4.15
N ILE A 11 -22.82 -19.22 3.45
CA ILE A 11 -22.98 -20.66 3.34
C ILE A 11 -21.72 -21.27 3.94
N GLU A 12 -21.89 -22.14 4.92
CA GLU A 12 -20.74 -22.76 5.56
C GLU A 12 -20.05 -23.79 4.70
N GLY A 13 -18.76 -23.99 4.97
CA GLY A 13 -17.98 -24.96 4.25
C GLY A 13 -16.68 -25.22 4.98
N ASP A 14 -15.88 -26.15 4.47
CA ASP A 14 -14.61 -26.44 5.12
C ASP A 14 -13.69 -25.25 4.87
N LEU A 15 -13.88 -24.60 3.73
CA LEU A 15 -13.11 -23.41 3.36
C LEU A 15 -14.13 -22.45 2.75
N VAL A 16 -13.99 -21.17 3.05
CA VAL A 16 -14.94 -20.19 2.54
C VAL A 16 -14.37 -19.09 1.66
N LEU A 17 -15.05 -18.83 0.55
CA LEU A 17 -14.63 -17.78 -0.37
C LEU A 17 -15.54 -16.58 -0.21
N GLY A 18 -14.95 -15.41 -0.06
CA GLY A 18 -15.75 -14.21 0.07
C GLY A 18 -15.98 -13.74 -1.35
N GLY A 19 -17.10 -13.05 -1.57
CA GLY A 19 -17.37 -12.53 -2.90
C GLY A 19 -17.89 -11.11 -2.79
N LEU A 20 -17.70 -10.31 -3.83
CA LEU A 20 -18.18 -8.94 -3.85
C LEU A 20 -18.79 -8.65 -5.20
N PHE A 21 -20.04 -8.21 -5.21
CA PHE A 21 -20.67 -7.88 -6.48
C PHE A 21 -21.46 -6.62 -6.33
N PRO A 22 -21.59 -5.85 -7.42
CA PRO A 22 -22.37 -4.62 -7.34
C PRO A 22 -23.83 -5.01 -7.56
N ILE A 23 -24.39 -5.74 -6.59
CA ILE A 23 -25.76 -6.21 -6.66
C ILE A 23 -26.67 -5.00 -6.84
N ASN A 24 -26.36 -3.93 -6.14
CA ASN A 24 -27.16 -2.73 -6.24
C ASN A 24 -26.43 -1.60 -6.89
N GLU A 25 -27.18 -0.72 -7.52
CA GLU A 25 -26.62 0.43 -8.18
C GLU A 25 -26.25 1.40 -7.06
N LYS A 26 -25.46 2.42 -7.38
CA LYS A 26 -25.05 3.41 -6.39
C LYS A 26 -26.25 4.22 -5.90
N GLY A 27 -26.39 4.31 -4.58
CA GLY A 27 -27.50 5.06 -4.00
C GLY A 27 -27.32 6.53 -4.30
N THR A 28 -28.42 7.21 -4.59
CA THR A 28 -28.39 8.64 -4.91
C THR A 28 -28.55 9.48 -3.65
N GLY A 29 -27.75 10.54 -3.56
CA GLY A 29 -27.81 11.42 -2.42
C GLY A 29 -27.42 10.78 -1.08
N THR A 30 -28.36 10.76 -0.14
CA THR A 30 -28.10 10.21 1.18
C THR A 30 -28.17 8.69 1.30
N GLU A 31 -29.02 8.04 0.48
CA GLU A 31 -29.12 6.59 0.54
C GLU A 31 -27.87 5.95 -0.07
N GLU A 32 -27.45 4.82 0.50
CA GLU A 32 -26.24 4.14 0.05
C GLU A 32 -26.41 3.19 -1.13
N CYS A 33 -27.55 2.52 -1.21
CA CYS A 33 -27.79 1.59 -2.29
C CYS A 33 -29.05 1.98 -3.04
N GLY A 34 -29.08 1.71 -4.34
CA GLY A 34 -30.25 2.06 -5.13
C GLY A 34 -30.94 0.86 -5.77
N ARG A 35 -31.24 0.98 -7.06
CA ARG A 35 -31.89 -0.10 -7.79
C ARG A 35 -31.01 -1.33 -7.95
N ILE A 36 -31.63 -2.45 -8.31
CA ILE A 36 -30.89 -3.68 -8.50
C ILE A 36 -30.17 -3.64 -9.84
N ASN A 37 -28.92 -4.07 -9.82
CA ASN A 37 -28.13 -4.13 -11.04
C ASN A 37 -28.37 -5.57 -11.53
N GLU A 38 -29.38 -5.72 -12.38
CA GLU A 38 -29.81 -7.02 -12.89
C GLU A 38 -28.75 -7.90 -13.56
N ASP A 39 -28.07 -7.38 -14.57
CA ASP A 39 -27.07 -8.19 -15.27
C ASP A 39 -25.70 -8.27 -14.63
N ARG A 40 -25.02 -7.14 -14.47
CA ARG A 40 -23.70 -7.16 -13.87
C ARG A 40 -23.73 -7.41 -12.37
N GLY A 41 -24.91 -7.39 -11.78
CA GLY A 41 -25.00 -7.61 -10.37
C GLY A 41 -25.52 -8.98 -10.03
N ILE A 42 -26.82 -9.16 -10.23
CA ILE A 42 -27.47 -10.43 -9.92
C ILE A 42 -26.90 -11.60 -10.72
N GLN A 43 -26.76 -11.44 -12.04
CA GLN A 43 -26.23 -12.54 -12.84
C GLN A 43 -24.86 -12.97 -12.39
N ARG A 44 -23.95 -12.02 -12.23
CA ARG A 44 -22.59 -12.31 -11.80
C ARG A 44 -22.57 -12.97 -10.43
N LEU A 45 -23.47 -12.55 -9.54
CA LEU A 45 -23.55 -13.14 -8.22
C LEU A 45 -24.03 -14.60 -8.35
N GLU A 46 -25.02 -14.83 -9.20
CA GLU A 46 -25.51 -16.18 -9.36
C GLU A 46 -24.46 -17.07 -10.02
N ALA A 47 -23.69 -16.51 -10.94
CA ALA A 47 -22.64 -17.29 -11.58
C ALA A 47 -21.63 -17.83 -10.54
N MET A 48 -21.36 -17.08 -9.49
CA MET A 48 -20.43 -17.57 -8.47
C MET A 48 -21.11 -18.67 -7.67
N LEU A 49 -22.38 -18.49 -7.36
CA LEU A 49 -23.10 -19.51 -6.63
C LEU A 49 -23.09 -20.79 -7.47
N PHE A 50 -23.28 -20.62 -8.79
CA PHE A 50 -23.27 -21.72 -9.74
C PHE A 50 -21.93 -22.46 -9.69
N ALA A 51 -20.85 -21.71 -9.88
CA ALA A 51 -19.50 -22.25 -9.86
C ALA A 51 -19.23 -23.04 -8.58
N ILE A 52 -19.57 -22.47 -7.44
CA ILE A 52 -19.39 -23.12 -6.16
C ILE A 52 -20.18 -24.44 -6.13
N ASP A 53 -21.42 -24.41 -6.61
CA ASP A 53 -22.23 -25.62 -6.64
C ASP A 53 -21.52 -26.70 -7.44
N GLU A 54 -21.15 -26.36 -8.67
CA GLU A 54 -20.44 -27.29 -9.52
C GLU A 54 -19.22 -27.85 -8.80
N ILE A 55 -18.32 -26.99 -8.36
CA ILE A 55 -17.13 -27.45 -7.67
C ILE A 55 -17.46 -28.41 -6.55
N ASN A 56 -18.59 -28.18 -5.88
CA ASN A 56 -18.95 -29.06 -4.78
C ASN A 56 -19.51 -30.42 -5.23
N LYS A 57 -19.84 -30.57 -6.52
CA LYS A 57 -20.32 -31.84 -7.08
C LYS A 57 -19.13 -32.53 -7.77
N ASP A 58 -18.07 -31.76 -8.00
CA ASP A 58 -16.87 -32.24 -8.67
C ASP A 58 -15.97 -33.10 -7.79
N ASN A 59 -15.83 -34.38 -8.16
CA ASN A 59 -15.03 -35.36 -7.43
C ASN A 59 -13.53 -35.35 -7.76
N TYR A 60 -13.12 -34.46 -8.64
CA TYR A 60 -11.73 -34.38 -9.01
C TYR A 60 -11.12 -33.05 -8.59
N LEU A 61 -12.00 -32.15 -8.17
CA LEU A 61 -11.60 -30.83 -7.73
C LEU A 61 -12.11 -30.62 -6.31
N LEU A 62 -11.16 -30.50 -5.39
CA LEU A 62 -11.52 -30.28 -4.00
C LEU A 62 -12.50 -31.32 -3.50
N PRO A 63 -12.24 -32.62 -3.78
CA PRO A 63 -13.18 -33.65 -3.29
C PRO A 63 -12.91 -33.73 -1.80
N GLY A 64 -13.95 -33.85 -0.98
CA GLY A 64 -13.68 -33.90 0.44
C GLY A 64 -13.57 -32.54 1.13
N VAL A 65 -13.50 -31.45 0.35
CA VAL A 65 -13.45 -30.11 0.92
C VAL A 65 -14.60 -29.32 0.29
N LYS A 66 -15.60 -29.01 1.10
CA LYS A 66 -16.74 -28.26 0.62
C LYS A 66 -16.43 -26.79 0.73
N LEU A 67 -16.64 -26.05 -0.36
CA LEU A 67 -16.40 -24.62 -0.36
C LEU A 67 -17.66 -23.92 0.07
N GLY A 68 -17.50 -22.92 0.94
CA GLY A 68 -18.63 -22.13 1.40
C GLY A 68 -18.44 -20.72 0.84
N VAL A 69 -19.34 -19.81 1.19
CA VAL A 69 -19.19 -18.44 0.70
C VAL A 69 -19.74 -17.40 1.64
N HIS A 70 -19.25 -16.19 1.47
CA HIS A 70 -19.72 -15.06 2.23
C HIS A 70 -19.77 -13.99 1.18
N ILE A 71 -20.92 -13.84 0.52
CA ILE A 71 -21.05 -12.85 -0.52
C ILE A 71 -21.69 -11.55 -0.07
N LEU A 72 -21.08 -10.43 -0.44
CA LEU A 72 -21.58 -9.11 -0.05
C LEU A 72 -21.80 -8.20 -1.22
N ASP A 73 -22.72 -7.26 -1.03
CA ASP A 73 -23.09 -6.29 -2.02
C ASP A 73 -22.12 -5.14 -1.86
N THR A 74 -21.67 -4.55 -2.96
CA THR A 74 -20.75 -3.42 -2.89
C THR A 74 -21.46 -2.13 -3.24
N CYS A 75 -22.72 -2.24 -3.66
CA CYS A 75 -23.56 -1.10 -4.04
C CYS A 75 -22.82 -0.11 -4.94
N SER A 76 -21.93 -0.66 -5.75
CA SER A 76 -21.13 0.08 -6.71
C SER A 76 -20.30 1.22 -6.15
N ARG A 77 -19.96 1.13 -4.87
CA ARG A 77 -19.15 2.18 -4.26
C ARG A 77 -18.01 1.64 -3.44
N ASP A 78 -16.80 2.04 -3.81
CA ASP A 78 -15.59 1.60 -3.14
C ASP A 78 -15.62 1.74 -1.63
N THR A 79 -16.09 2.87 -1.10
CA THR A 79 -16.10 3.05 0.36
C THR A 79 -17.04 2.06 0.99
N TYR A 80 -18.16 1.80 0.32
CA TYR A 80 -19.14 0.86 0.83
C TYR A 80 -18.54 -0.54 0.78
N ALA A 81 -17.87 -0.85 -0.34
CA ALA A 81 -17.26 -2.15 -0.50
C ALA A 81 -16.20 -2.38 0.58
N LEU A 82 -15.49 -1.32 0.94
CA LEU A 82 -14.44 -1.43 1.94
C LEU A 82 -14.99 -1.73 3.32
N GLU A 83 -16.05 -1.07 3.72
CA GLU A 83 -16.63 -1.34 5.03
C GLU A 83 -17.17 -2.75 5.07
N GLN A 84 -17.71 -3.22 3.95
CA GLN A 84 -18.22 -4.57 3.86
C GLN A 84 -17.07 -5.56 4.05
N SER A 85 -15.98 -5.34 3.31
CA SER A 85 -14.82 -6.21 3.36
C SER A 85 -14.25 -6.42 4.74
N LEU A 86 -14.41 -5.43 5.61
CA LEU A 86 -13.91 -5.53 6.97
C LEU A 86 -14.44 -6.84 7.53
N GLU A 87 -15.56 -7.27 6.98
CA GLU A 87 -16.20 -8.51 7.40
C GLU A 87 -15.35 -9.72 7.10
N PHE A 88 -14.49 -9.61 6.08
CA PHE A 88 -13.66 -10.75 5.71
C PHE A 88 -12.47 -10.91 6.63
N VAL A 89 -11.98 -9.79 7.17
CA VAL A 89 -10.82 -9.82 8.04
C VAL A 89 -11.14 -9.97 9.52
N ARG A 90 -12.29 -9.46 9.96
CA ARG A 90 -12.65 -9.59 11.37
C ARG A 90 -12.69 -11.08 11.61
N ALA A 91 -13.02 -11.79 10.53
CA ALA A 91 -13.10 -13.24 10.53
C ALA A 91 -11.83 -13.90 11.07
N SER A 92 -10.69 -13.57 10.47
CA SER A 92 -9.41 -14.15 10.88
C SER A 92 -8.93 -13.74 12.28
N LEU A 93 -9.87 -13.66 13.24
CA LEU A 93 -9.54 -13.31 14.62
C LEU A 93 -10.16 -14.30 15.59
N ILE A 114 -19.86 -17.06 14.61
CA ILE A 114 -20.59 -16.22 13.67
C ILE A 114 -19.75 -15.79 12.45
N PRO A 115 -18.52 -15.28 12.67
CA PRO A 115 -17.66 -14.85 11.55
C PRO A 115 -16.92 -16.00 10.86
N LEU A 116 -17.06 -16.06 9.53
CA LEU A 116 -16.44 -17.11 8.72
C LEU A 116 -15.04 -16.76 8.24
N LEU A 117 -14.12 -17.71 8.37
CA LEU A 117 -12.74 -17.53 7.95
C LEU A 117 -12.70 -17.50 6.43
N ILE A 118 -12.03 -16.51 5.88
CA ILE A 118 -11.96 -16.37 4.44
C ILE A 118 -10.67 -16.84 3.81
N ALA A 119 -10.78 -17.79 2.90
CA ALA A 119 -9.62 -18.33 2.20
C ALA A 119 -9.10 -17.34 1.14
N GLY A 120 -10.04 -16.75 0.41
CA GLY A 120 -9.70 -15.81 -0.63
C GLY A 120 -10.99 -15.11 -1.03
N VAL A 121 -10.89 -13.98 -1.73
CA VAL A 121 -12.07 -13.23 -2.11
C VAL A 121 -12.25 -13.08 -3.61
N ILE A 122 -13.40 -13.50 -4.10
CA ILE A 122 -13.72 -13.37 -5.50
C ILE A 122 -14.43 -12.04 -5.63
N GLY A 123 -13.90 -11.14 -6.42
CA GLY A 123 -14.62 -9.92 -6.50
C GLY A 123 -13.96 -8.60 -6.76
N GLY A 124 -14.87 -7.69 -7.05
CA GLY A 124 -14.55 -6.34 -7.39
C GLY A 124 -14.96 -6.30 -8.85
N SER A 125 -16.00 -5.55 -9.14
CA SER A 125 -16.43 -5.37 -10.51
C SER A 125 -15.75 -4.05 -10.88
N TYR A 126 -16.16 -2.95 -10.23
CA TYR A 126 -15.57 -1.64 -10.49
C TYR A 126 -14.15 -1.63 -9.99
N SER A 127 -13.24 -1.08 -10.79
CA SER A 127 -11.83 -1.02 -10.41
C SER A 127 -11.63 -0.30 -9.12
N SER A 128 -12.38 0.78 -8.93
CA SER A 128 -12.26 1.52 -7.70
C SER A 128 -12.50 0.65 -6.47
N VAL A 129 -13.49 -0.25 -6.50
CA VAL A 129 -13.71 -1.09 -5.31
C VAL A 129 -12.65 -2.18 -5.22
N SER A 130 -12.28 -2.77 -6.34
CA SER A 130 -11.25 -3.81 -6.30
C SER A 130 -9.97 -3.22 -5.69
N ILE A 131 -9.57 -2.04 -6.14
CA ILE A 131 -8.38 -1.38 -5.62
C ILE A 131 -8.50 -1.19 -4.10
N GLN A 132 -9.55 -0.50 -3.65
CA GLN A 132 -9.72 -0.30 -2.22
C GLN A 132 -9.76 -1.60 -1.44
N VAL A 133 -10.49 -2.60 -1.93
CA VAL A 133 -10.56 -3.84 -1.18
C VAL A 133 -9.21 -4.53 -1.15
N ALA A 134 -8.44 -4.32 -2.20
CA ALA A 134 -7.11 -4.91 -2.29
C ALA A 134 -6.25 -4.28 -1.23
N ASN A 135 -6.33 -2.96 -1.09
CA ASN A 135 -5.54 -2.28 -0.06
C ASN A 135 -5.78 -2.88 1.32
N LEU A 136 -7.01 -3.30 1.57
CA LEU A 136 -7.33 -3.89 2.85
C LEU A 136 -6.93 -5.37 2.93
N LEU A 137 -7.32 -6.14 1.93
CA LEU A 137 -7.01 -7.56 1.95
C LEU A 137 -5.54 -7.93 2.02
N ARG A 138 -4.64 -7.08 1.50
CA ARG A 138 -3.21 -7.39 1.57
C ARG A 138 -2.68 -7.38 3.02
N LEU A 139 -3.27 -6.53 3.85
CA LEU A 139 -2.88 -6.44 5.24
C LEU A 139 -3.06 -7.76 5.98
N PHE A 140 -3.96 -8.62 5.51
CA PHE A 140 -4.18 -9.90 6.19
C PHE A 140 -3.82 -11.09 5.31
N GLN A 141 -3.08 -10.81 4.25
CA GLN A 141 -2.60 -11.83 3.33
C GLN A 141 -3.73 -12.68 2.76
N ILE A 142 -4.76 -12.03 2.26
CA ILE A 142 -5.91 -12.74 1.71
C ILE A 142 -5.92 -12.51 0.22
N PRO A 143 -5.74 -13.59 -0.58
CA PRO A 143 -5.74 -13.46 -2.04
C PRO A 143 -7.10 -13.01 -2.59
N GLN A 144 -7.05 -12.23 -3.66
CA GLN A 144 -8.25 -11.67 -4.27
C GLN A 144 -8.15 -11.84 -5.76
N ILE A 145 -9.27 -12.21 -6.41
CA ILE A 145 -9.31 -12.37 -7.85
C ILE A 145 -10.48 -11.59 -8.40
N SER A 146 -10.22 -10.57 -9.20
CA SER A 146 -11.33 -9.83 -9.78
C SER A 146 -11.68 -10.42 -11.14
N TYR A 147 -12.98 -10.52 -11.41
CA TYR A 147 -13.48 -11.07 -12.66
C TYR A 147 -13.83 -9.95 -13.62
N ALA A 148 -13.45 -8.71 -13.31
CA ALA A 148 -13.82 -7.63 -14.20
C ALA A 148 -13.04 -6.34 -14.11
N SER A 149 -12.36 -6.09 -13.00
CA SER A 149 -11.64 -4.83 -12.85
C SER A 149 -10.45 -4.73 -13.80
N THR A 150 -10.48 -3.73 -14.67
CA THR A 150 -9.42 -3.56 -15.67
C THR A 150 -8.39 -2.44 -15.49
N SER A 151 -8.46 -1.67 -14.41
CA SER A 151 -7.50 -0.59 -14.22
C SER A 151 -6.06 -1.04 -14.29
N ALA A 152 -5.22 -0.28 -14.99
CA ALA A 152 -3.81 -0.66 -15.09
C ALA A 152 -3.12 -0.65 -13.73
N LYS A 153 -3.63 0.16 -12.81
CA LYS A 153 -3.03 0.25 -11.49
C LYS A 153 -2.94 -1.06 -10.76
N LEU A 154 -3.92 -1.93 -10.98
CA LEU A 154 -3.93 -3.19 -10.30
C LEU A 154 -2.76 -4.09 -10.64
N SER A 155 -2.09 -3.81 -11.75
CA SER A 155 -0.93 -4.61 -12.15
C SER A 155 0.28 -4.40 -11.23
N ASP A 156 0.26 -3.29 -10.49
CA ASP A 156 1.34 -2.95 -9.57
C ASP A 156 1.34 -3.89 -8.37
N LYS A 157 2.15 -4.94 -8.47
CA LYS A 157 2.25 -5.94 -7.42
C LYS A 157 3.01 -5.51 -6.16
N SER A 158 3.40 -4.25 -6.09
CA SER A 158 4.10 -3.74 -4.92
C SER A 158 3.06 -3.12 -4.02
N ARG A 159 1.93 -2.76 -4.62
CA ARG A 159 0.83 -2.17 -3.86
C ARG A 159 -0.31 -3.18 -3.73
N TYR A 160 -0.51 -3.96 -4.78
CA TYR A 160 -1.57 -4.98 -4.79
C TYR A 160 -0.95 -6.37 -4.90
N ASP A 161 -0.09 -6.66 -3.94
CA ASP A 161 0.64 -7.92 -3.89
C ASP A 161 -0.16 -9.18 -3.69
N TYR A 162 -1.46 -9.05 -3.45
CA TYR A 162 -2.31 -10.22 -3.26
C TYR A 162 -3.50 -10.19 -4.20
N PHE A 163 -3.39 -9.41 -5.26
CA PHE A 163 -4.46 -9.27 -6.24
C PHE A 163 -4.13 -9.89 -7.62
N ALA A 164 -5.09 -10.63 -8.14
CA ALA A 164 -4.96 -11.23 -9.45
C ALA A 164 -6.31 -10.93 -10.10
N ARG A 165 -6.44 -11.27 -11.38
CA ARG A 165 -7.67 -11.02 -12.11
C ARG A 165 -7.69 -11.90 -13.38
N THR A 166 -8.87 -12.31 -13.79
CA THR A 166 -8.99 -13.13 -14.98
C THR A 166 -9.26 -12.28 -16.21
N VAL A 167 -8.93 -11.00 -16.13
CA VAL A 167 -9.12 -10.08 -17.25
C VAL A 167 -7.83 -9.28 -17.44
N PRO A 168 -7.66 -8.65 -18.61
CA PRO A 168 -6.45 -7.86 -18.86
C PRO A 168 -6.55 -6.41 -18.39
N PRO A 169 -5.40 -5.71 -18.33
CA PRO A 169 -5.36 -4.31 -17.91
C PRO A 169 -5.72 -3.40 -19.08
N ASP A 170 -6.25 -2.23 -18.79
CA ASP A 170 -6.67 -1.32 -19.85
C ASP A 170 -5.56 -0.72 -20.69
N PHE A 171 -4.33 -1.13 -20.41
CA PHE A 171 -3.21 -0.66 -21.19
C PHE A 171 -3.53 -1.06 -22.63
N TYR A 172 -4.19 -2.21 -22.79
CA TYR A 172 -4.55 -2.72 -24.11
C TYR A 172 -5.86 -2.19 -24.68
N GLN A 173 -6.88 -2.08 -23.83
CA GLN A 173 -8.16 -1.60 -24.33
C GLN A 173 -7.99 -0.19 -24.89
N ALA A 174 -7.04 0.56 -24.32
CA ALA A 174 -6.78 1.92 -24.79
C ALA A 174 -6.18 1.87 -26.20
N LYS A 175 -5.25 0.95 -26.44
CA LYS A 175 -4.65 0.81 -27.75
C LYS A 175 -5.71 0.43 -28.76
N ALA A 176 -6.54 -0.54 -28.42
CA ALA A 176 -7.60 -0.98 -29.32
C ALA A 176 -8.45 0.21 -29.76
N MET A 177 -8.80 1.06 -28.82
CA MET A 177 -9.62 2.22 -29.12
C MET A 177 -8.90 3.21 -30.04
N ALA A 178 -7.65 3.53 -29.71
CA ALA A 178 -6.87 4.46 -30.53
C ALA A 178 -6.74 3.95 -31.96
N GLU A 179 -6.42 2.67 -32.12
CA GLU A 179 -6.27 2.09 -33.45
C GLU A 179 -7.56 2.09 -34.24
N ILE A 180 -8.70 2.03 -33.56
CA ILE A 180 -9.97 2.06 -34.26
C ILE A 180 -10.11 3.46 -34.85
N LEU A 181 -9.80 4.47 -34.04
CA LEU A 181 -9.88 5.86 -34.50
C LEU A 181 -8.87 6.11 -35.63
N ARG A 182 -7.61 5.72 -35.42
CA ARG A 182 -6.58 5.90 -36.43
C ARG A 182 -6.96 5.23 -37.73
N PHE A 183 -7.69 4.13 -37.62
CA PHE A 183 -8.12 3.40 -38.80
C PHE A 183 -9.07 4.22 -39.67
N PHE A 184 -10.17 4.69 -39.08
CA PHE A 184 -11.14 5.49 -39.82
C PHE A 184 -10.68 6.94 -39.93
N ASN A 185 -9.40 7.16 -39.64
CA ASN A 185 -8.78 8.49 -39.71
C ASN A 185 -9.44 9.60 -38.88
N TRP A 186 -10.05 9.24 -37.75
CA TRP A 186 -10.66 10.25 -36.88
C TRP A 186 -9.51 10.84 -36.10
N THR A 187 -9.09 12.03 -36.52
CA THR A 187 -7.95 12.69 -35.90
C THR A 187 -8.33 13.78 -34.91
N TYR A 188 -9.57 14.24 -34.99
CA TYR A 188 -10.03 15.29 -34.10
C TYR A 188 -11.21 14.77 -33.28
N VAL A 189 -10.91 14.15 -32.14
CA VAL A 189 -11.94 13.58 -31.29
C VAL A 189 -11.95 14.19 -29.91
N SER A 190 -13.09 14.10 -29.24
CA SER A 190 -13.25 14.60 -27.88
C SER A 190 -13.30 13.38 -26.95
N THR A 191 -12.94 13.59 -25.69
CA THR A 191 -12.97 12.49 -24.74
C THR A 191 -13.58 12.93 -23.43
N VAL A 192 -14.45 12.08 -22.88
CA VAL A 192 -15.05 12.36 -21.59
C VAL A 192 -14.78 11.09 -20.79
N ALA A 193 -14.22 11.26 -19.59
CA ALA A 193 -13.87 10.13 -18.75
C ALA A 193 -14.46 10.27 -17.35
N SER A 194 -14.50 9.15 -16.63
CA SER A 194 -15.01 9.12 -15.26
C SER A 194 -13.88 9.34 -14.27
N GLU A 195 -14.12 10.19 -13.27
CA GLU A 195 -13.10 10.42 -12.28
C GLU A 195 -12.84 9.09 -11.58
N GLY A 196 -11.57 8.79 -11.33
CA GLY A 196 -11.24 7.55 -10.67
C GLY A 196 -10.12 6.74 -11.31
N ASP A 197 -9.85 5.58 -10.73
CA ASP A 197 -8.80 4.71 -11.21
C ASP A 197 -9.18 3.96 -12.49
N TYR A 198 -10.46 3.93 -12.84
CA TYR A 198 -10.84 3.26 -14.07
C TYR A 198 -10.83 4.23 -15.26
N GLY A 199 -11.60 5.30 -15.14
CA GLY A 199 -11.71 6.28 -16.21
C GLY A 199 -10.50 7.16 -16.45
N GLU A 200 -9.95 7.76 -15.40
CA GLU A 200 -8.81 8.64 -15.59
C GLU A 200 -7.59 7.91 -16.14
N THR A 201 -7.16 6.82 -15.50
CA THR A 201 -6.00 6.12 -16.04
C THR A 201 -6.35 5.53 -17.40
N GLY A 202 -7.62 5.13 -17.55
CA GLY A 202 -8.06 4.58 -18.81
C GLY A 202 -7.91 5.59 -19.94
N ILE A 203 -8.36 6.82 -19.69
CA ILE A 203 -8.27 7.87 -20.69
C ILE A 203 -6.82 8.28 -20.93
N GLU A 204 -6.06 8.49 -19.86
CA GLU A 204 -4.66 8.86 -19.99
C GLU A 204 -3.96 7.92 -20.94
N ALA A 205 -4.16 6.62 -20.74
CA ALA A 205 -3.55 5.62 -21.59
C ALA A 205 -3.95 5.85 -23.04
N PHE A 206 -5.22 6.19 -23.25
CA PHE A 206 -5.74 6.43 -24.59
C PHE A 206 -5.08 7.64 -25.24
N GLU A 207 -5.00 8.72 -24.48
CA GLU A 207 -4.41 9.96 -24.97
C GLU A 207 -2.96 9.76 -25.39
N GLN A 208 -2.23 8.93 -24.64
CA GLN A 208 -0.84 8.65 -25.00
C GLN A 208 -0.83 7.88 -26.31
N GLU A 209 -1.70 6.88 -26.42
CA GLU A 209 -1.78 6.08 -27.63
C GLU A 209 -2.29 6.95 -28.76
N ALA A 210 -2.94 8.05 -28.41
CA ALA A 210 -3.49 8.97 -29.40
C ALA A 210 -2.40 9.80 -30.05
N ARG A 211 -1.54 10.43 -29.25
CA ARG A 211 -0.45 11.22 -29.79
C ARG A 211 0.35 10.37 -30.78
N LEU A 212 0.80 9.20 -30.32
CA LEU A 212 1.58 8.30 -31.14
C LEU A 212 0.98 7.99 -32.50
N ARG A 213 -0.34 8.08 -32.62
CA ARG A 213 -1.01 7.79 -33.90
C ARG A 213 -1.54 9.06 -34.57
N ASN A 214 -0.98 10.19 -34.16
CA ASN A 214 -1.37 11.50 -34.70
C ASN A 214 -2.88 11.75 -34.65
N ILE A 215 -3.42 11.88 -33.43
CA ILE A 215 -4.84 12.14 -33.21
C ILE A 215 -4.91 13.21 -32.14
N CYS A 216 -5.66 14.28 -32.39
CA CYS A 216 -5.77 15.34 -31.41
C CYS A 216 -7.09 15.30 -30.67
N ILE A 217 -7.07 15.84 -29.46
CA ILE A 217 -8.23 15.87 -28.60
C ILE A 217 -8.86 17.26 -28.54
N ALA A 218 -10.04 17.37 -29.15
CA ALA A 218 -10.78 18.63 -29.16
C ALA A 218 -10.91 19.13 -27.74
N THR A 219 -11.60 18.36 -26.91
CA THR A 219 -11.82 18.72 -25.52
C THR A 219 -11.78 17.47 -24.64
N ALA A 220 -11.17 17.60 -23.48
CA ALA A 220 -11.08 16.48 -22.54
C ALA A 220 -12.01 16.71 -21.37
N GLU A 221 -13.23 16.17 -21.46
CA GLU A 221 -14.21 16.31 -20.39
C GLU A 221 -14.10 15.17 -19.37
N LYS A 222 -14.52 15.43 -18.14
CA LYS A 222 -14.50 14.41 -17.13
C LYS A 222 -15.55 14.64 -16.05
N VAL A 223 -16.44 13.66 -15.89
CA VAL A 223 -17.49 13.69 -14.90
C VAL A 223 -16.96 13.05 -13.62
N GLY A 224 -17.48 13.49 -12.47
CA GLY A 224 -16.99 12.94 -11.22
C GLY A 224 -18.01 12.27 -10.32
N ARG A 225 -17.62 12.12 -9.06
CA ARG A 225 -18.47 11.48 -8.07
C ARG A 225 -19.73 12.28 -7.77
N SER A 226 -20.81 11.55 -7.53
CA SER A 226 -22.12 12.11 -7.19
C SER A 226 -22.68 13.16 -8.15
N ASN A 227 -21.95 13.45 -9.23
CA ASN A 227 -22.41 14.43 -10.21
C ASN A 227 -23.90 14.29 -10.52
N ILE A 228 -24.58 15.42 -10.60
CA ILE A 228 -26.01 15.44 -10.89
C ILE A 228 -26.21 15.79 -12.35
N ARG A 229 -27.45 15.63 -12.83
CA ARG A 229 -27.78 15.93 -14.22
C ARG A 229 -26.96 17.10 -14.79
N LYS A 230 -27.05 18.23 -14.11
CA LYS A 230 -26.36 19.45 -14.53
C LYS A 230 -24.88 19.29 -14.90
N SER A 231 -24.15 18.47 -14.16
CA SER A 231 -22.74 18.27 -14.47
C SER A 231 -22.59 17.61 -15.84
N TYR A 232 -23.54 16.74 -16.18
CA TYR A 232 -23.49 16.06 -17.45
C TYR A 232 -24.00 16.96 -18.57
N ASP A 233 -25.04 17.73 -18.29
CA ASP A 233 -25.57 18.66 -19.29
C ASP A 233 -24.46 19.63 -19.65
N SER A 234 -23.66 19.97 -18.64
CA SER A 234 -22.54 20.87 -18.79
C SER A 234 -21.49 20.28 -19.74
N VAL A 235 -21.40 18.94 -19.77
CA VAL A 235 -20.44 18.24 -20.63
C VAL A 235 -20.95 18.13 -22.08
N ILE A 236 -22.24 17.84 -22.24
CA ILE A 236 -22.81 17.74 -23.57
C ILE A 236 -22.59 19.06 -24.31
N ARG A 237 -22.79 20.18 -23.60
CA ARG A 237 -22.59 21.49 -24.21
C ARG A 237 -21.15 21.61 -24.69
N GLU A 238 -20.22 21.52 -23.74
CA GLU A 238 -18.80 21.63 -24.06
C GLU A 238 -18.38 20.71 -25.20
N LEU A 239 -19.12 19.63 -25.40
CA LEU A 239 -18.82 18.71 -26.48
C LEU A 239 -19.36 19.34 -27.77
N LEU A 240 -20.50 19.99 -27.64
CA LEU A 240 -21.13 20.62 -28.78
C LEU A 240 -20.34 21.84 -29.22
N GLN A 241 -19.46 22.32 -28.35
CA GLN A 241 -18.62 23.49 -28.64
C GLN A 241 -17.36 23.08 -29.39
N LYS A 242 -17.42 21.92 -30.03
CA LYS A 242 -16.33 21.38 -30.82
C LYS A 242 -17.01 20.55 -31.91
N PRO A 243 -17.93 21.19 -32.64
CA PRO A 243 -18.74 20.61 -33.72
C PRO A 243 -17.97 19.74 -34.70
N ASN A 244 -16.72 20.10 -34.99
CA ASN A 244 -15.92 19.32 -35.91
C ASN A 244 -15.59 17.96 -35.32
N ALA A 245 -15.50 17.90 -33.99
CA ALA A 245 -15.22 16.65 -33.29
C ALA A 245 -16.55 15.92 -33.14
N ARG A 246 -16.88 15.09 -34.11
CA ARG A 246 -18.14 14.35 -34.11
C ARG A 246 -17.99 12.95 -33.49
N VAL A 247 -16.76 12.55 -33.18
CA VAL A 247 -16.47 11.26 -32.54
C VAL A 247 -16.00 11.52 -31.11
N VAL A 248 -16.72 10.95 -30.14
CA VAL A 248 -16.35 11.14 -28.75
C VAL A 248 -15.99 9.84 -28.06
N VAL A 249 -14.75 9.73 -27.62
CA VAL A 249 -14.22 8.56 -26.93
C VAL A 249 -14.62 8.58 -25.46
N LEU A 250 -15.22 7.48 -24.99
CA LEU A 250 -15.65 7.39 -23.61
C LEU A 250 -14.94 6.30 -22.84
N PHE A 251 -14.51 6.65 -21.64
CA PHE A 251 -13.86 5.72 -20.73
C PHE A 251 -14.56 6.00 -19.41
N MET A 252 -15.79 5.53 -19.30
CA MET A 252 -16.60 5.79 -18.12
C MET A 252 -17.24 4.61 -17.45
N ARG A 253 -17.57 4.81 -16.17
CA ARG A 253 -18.25 3.81 -15.37
C ARG A 253 -19.58 3.52 -16.05
N SER A 254 -20.10 2.32 -15.82
CA SER A 254 -21.38 1.92 -16.39
C SER A 254 -22.45 2.95 -16.07
N ASP A 255 -22.60 3.27 -14.79
CA ASP A 255 -23.60 4.23 -14.35
C ASP A 255 -23.40 5.62 -14.95
N ASP A 256 -22.15 6.09 -14.99
CA ASP A 256 -21.85 7.40 -15.54
C ASP A 256 -22.22 7.46 -17.01
N SER A 257 -21.92 6.39 -17.76
CA SER A 257 -22.24 6.35 -19.18
C SER A 257 -23.73 6.50 -19.42
N ARG A 258 -24.53 5.92 -18.52
CA ARG A 258 -25.97 5.98 -18.62
C ARG A 258 -26.42 7.44 -18.53
N GLU A 259 -25.82 8.17 -17.58
CA GLU A 259 -26.15 9.58 -17.36
C GLU A 259 -25.77 10.46 -18.55
N LEU A 260 -24.59 10.22 -19.11
CA LEU A 260 -24.10 11.01 -20.24
C LEU A 260 -24.97 10.83 -21.47
N ILE A 261 -25.35 9.60 -21.77
CA ILE A 261 -26.20 9.34 -22.92
C ILE A 261 -27.59 9.94 -22.70
N ALA A 262 -28.01 10.02 -21.44
CA ALA A 262 -29.31 10.59 -21.10
C ALA A 262 -29.27 12.10 -21.27
N ALA A 263 -28.16 12.71 -20.84
CA ALA A 263 -27.99 14.15 -20.95
C ALA A 263 -27.88 14.57 -22.41
N ALA A 264 -27.48 13.63 -23.26
CA ALA A 264 -27.35 13.91 -24.67
C ALA A 264 -28.71 13.79 -25.33
N ASN A 265 -29.58 12.96 -24.75
CA ASN A 265 -30.91 12.77 -25.28
C ASN A 265 -31.76 14.02 -25.04
N ARG A 266 -31.62 14.60 -23.85
CA ARG A 266 -32.38 15.79 -23.49
C ARG A 266 -32.25 16.87 -24.54
N VAL A 267 -31.03 17.39 -24.74
CA VAL A 267 -30.80 18.43 -25.73
C VAL A 267 -30.64 17.81 -27.11
N ASN A 268 -31.17 16.60 -27.25
CA ASN A 268 -31.13 15.86 -28.50
C ASN A 268 -29.79 15.95 -29.25
N ALA A 269 -28.69 16.03 -28.49
CA ALA A 269 -27.35 16.10 -29.07
C ALA A 269 -27.02 14.74 -29.68
N SER A 270 -26.17 14.75 -30.70
CA SER A 270 -25.80 13.49 -31.35
C SER A 270 -24.34 13.46 -31.77
N PHE A 271 -23.64 12.40 -31.38
CA PHE A 271 -22.24 12.21 -31.72
C PHE A 271 -22.08 10.73 -32.02
N THR A 272 -20.89 10.34 -32.45
CA THR A 272 -20.62 8.93 -32.69
C THR A 272 -19.83 8.54 -31.45
N TRP A 273 -20.39 7.63 -30.66
CA TRP A 273 -19.72 7.20 -29.44
C TRP A 273 -18.78 6.02 -29.64
N VAL A 274 -17.64 6.09 -28.98
CA VAL A 274 -16.64 5.03 -29.02
C VAL A 274 -16.32 4.84 -27.53
N ALA A 275 -16.97 3.87 -26.90
CA ALA A 275 -16.80 3.66 -25.47
C ALA A 275 -16.12 2.37 -25.05
N SER A 276 -15.54 2.38 -23.85
CA SER A 276 -14.87 1.21 -23.30
C SER A 276 -15.87 0.25 -22.66
N ASP A 277 -15.39 -0.90 -22.22
CA ASP A 277 -16.24 -1.90 -21.62
C ASP A 277 -17.06 -1.35 -20.48
N GLY A 278 -16.76 -0.14 -20.06
CA GLY A 278 -17.52 0.45 -18.97
C GLY A 278 -18.96 0.47 -19.42
N TRP A 279 -19.13 0.83 -20.68
CA TRP A 279 -20.43 0.89 -21.35
C TRP A 279 -20.66 -0.51 -21.88
N GLY A 280 -19.66 -1.04 -22.58
CA GLY A 280 -19.75 -2.38 -23.12
C GLY A 280 -20.93 -2.67 -24.03
N ALA A 281 -21.51 -3.86 -23.85
CA ALA A 281 -22.64 -4.30 -24.65
C ALA A 281 -23.93 -4.31 -23.85
N GLN A 282 -23.99 -3.49 -22.82
CA GLN A 282 -25.19 -3.40 -21.99
C GLN A 282 -26.29 -2.67 -22.74
N GLU A 283 -27.45 -3.29 -22.87
CA GLU A 283 -28.56 -2.64 -23.52
C GLU A 283 -29.21 -1.64 -22.55
N SER A 284 -29.08 -1.90 -21.25
CA SER A 284 -29.67 -1.04 -20.21
C SER A 284 -29.13 0.37 -20.16
N ILE A 285 -27.91 0.55 -20.66
CA ILE A 285 -27.27 1.86 -20.67
C ILE A 285 -27.94 2.80 -21.67
N VAL A 286 -28.40 2.22 -22.77
CA VAL A 286 -29.03 2.99 -23.84
C VAL A 286 -30.57 3.03 -23.80
N LYS A 287 -31.20 2.25 -22.93
CA LYS A 287 -32.66 2.23 -22.84
C LYS A 287 -33.19 3.62 -22.54
N GLY A 288 -34.16 4.06 -23.34
CA GLY A 288 -34.73 5.37 -23.13
C GLY A 288 -33.93 6.50 -23.75
N SER A 289 -33.05 6.16 -24.69
CA SER A 289 -32.22 7.13 -25.40
C SER A 289 -31.61 6.45 -26.62
N GLU A 290 -32.19 5.31 -26.99
CA GLU A 290 -31.71 4.51 -28.11
C GLU A 290 -31.29 5.25 -29.37
N HIS A 291 -32.04 6.29 -29.76
CA HIS A 291 -31.71 7.04 -30.98
C HIS A 291 -30.46 7.92 -30.85
N VAL A 292 -30.12 8.28 -29.61
CA VAL A 292 -28.97 9.13 -29.33
C VAL A 292 -27.65 8.35 -29.37
N ALA A 293 -27.72 7.05 -29.13
CA ALA A 293 -26.53 6.22 -29.13
C ALA A 293 -26.49 5.29 -30.33
N TYR A 294 -27.42 5.47 -31.26
CA TYR A 294 -27.45 4.63 -32.44
C TYR A 294 -26.12 4.74 -33.16
N GLY A 295 -25.65 3.63 -33.73
CA GLY A 295 -24.39 3.61 -34.46
C GLY A 295 -23.16 3.85 -33.61
N ALA A 296 -23.23 3.50 -32.32
CA ALA A 296 -22.10 3.68 -31.44
C ALA A 296 -21.19 2.48 -31.49
N ILE A 297 -19.90 2.68 -31.25
CA ILE A 297 -18.96 1.60 -31.25
C ILE A 297 -18.43 1.44 -29.84
N THR A 298 -18.62 0.24 -29.29
CA THR A 298 -18.20 -0.05 -27.93
C THR A 298 -17.29 -1.27 -27.89
N LEU A 299 -16.48 -1.37 -26.85
CA LEU A 299 -15.59 -2.52 -26.70
C LEU A 299 -16.00 -3.32 -25.47
N GLU A 300 -15.65 -4.59 -25.46
CA GLU A 300 -15.95 -5.44 -24.32
C GLU A 300 -14.94 -6.56 -24.37
N LEU A 301 -14.61 -7.12 -23.21
CA LEU A 301 -13.66 -8.21 -23.18
C LEU A 301 -14.16 -9.35 -24.05
N ALA A 302 -13.23 -10.01 -24.73
CA ALA A 302 -13.57 -11.12 -25.59
C ALA A 302 -13.88 -12.36 -24.75
N SER A 303 -15.08 -12.91 -24.94
CA SER A 303 -15.49 -14.08 -24.17
C SER A 303 -16.56 -14.86 -24.92
N HIS A 304 -16.87 -16.04 -24.42
CA HIS A 304 -17.91 -16.88 -25.02
C HIS A 304 -18.77 -17.37 -23.85
N PRO A 305 -20.09 -17.24 -23.99
CA PRO A 305 -21.04 -17.66 -22.96
C PRO A 305 -20.84 -19.06 -22.38
N VAL A 306 -21.17 -19.20 -21.09
CA VAL A 306 -21.08 -20.48 -20.40
C VAL A 306 -22.48 -21.04 -20.44
N ARG A 307 -22.74 -21.88 -21.43
CA ARG A 307 -24.05 -22.49 -21.65
C ARG A 307 -24.69 -23.12 -20.41
N GLN A 308 -23.93 -23.94 -19.71
CA GLN A 308 -24.45 -24.59 -18.54
C GLN A 308 -25.03 -23.58 -17.53
N PHE A 309 -24.52 -22.36 -17.60
CA PHE A 309 -24.99 -21.30 -16.70
C PHE A 309 -26.37 -20.81 -17.11
N ASP A 310 -26.64 -20.78 -18.40
CA ASP A 310 -27.94 -20.36 -18.91
C ASP A 310 -29.04 -21.24 -18.32
N ARG A 311 -28.77 -22.54 -18.26
CA ARG A 311 -29.70 -23.51 -17.71
C ARG A 311 -29.95 -23.16 -16.25
N TYR A 312 -28.88 -23.06 -15.47
CA TYR A 312 -28.96 -22.73 -14.05
C TYR A 312 -29.73 -21.45 -13.75
N PHE A 313 -29.39 -20.37 -14.45
CA PHE A 313 -30.04 -19.10 -14.22
C PHE A 313 -31.53 -19.08 -14.56
N GLN A 314 -31.89 -19.65 -15.70
CA GLN A 314 -33.28 -19.64 -16.11
C GLN A 314 -34.17 -20.46 -15.18
N SER A 315 -33.57 -21.44 -14.52
CA SER A 315 -34.30 -22.31 -13.62
C SER A 315 -34.60 -21.62 -12.30
N LEU A 316 -34.01 -20.44 -12.11
CA LEU A 316 -34.20 -19.70 -10.87
C LEU A 316 -35.50 -18.94 -10.77
N ASN A 317 -36.14 -19.00 -9.60
CA ASN A 317 -37.38 -18.28 -9.36
C ASN A 317 -37.53 -18.04 -7.87
N PRO A 318 -38.38 -17.08 -7.47
CA PRO A 318 -38.60 -16.75 -6.05
C PRO A 318 -39.03 -17.91 -5.16
N TYR A 319 -39.52 -18.98 -5.76
CA TYR A 319 -39.93 -20.15 -5.00
C TYR A 319 -38.76 -21.07 -4.64
N ASN A 320 -37.82 -21.27 -5.57
CA ASN A 320 -36.67 -22.15 -5.31
C ASN A 320 -35.36 -21.47 -4.95
N ASN A 321 -35.27 -20.16 -5.16
CA ASN A 321 -34.02 -19.45 -4.88
C ASN A 321 -33.98 -18.59 -3.61
N HIS A 322 -34.19 -19.21 -2.46
CA HIS A 322 -34.18 -18.45 -1.21
C HIS A 322 -32.81 -18.08 -0.67
N ARG A 323 -31.73 -18.72 -1.14
CA ARG A 323 -30.39 -18.40 -0.63
C ARG A 323 -29.87 -17.07 -1.13
N ASN A 324 -30.53 -16.48 -2.13
CA ASN A 324 -30.11 -15.19 -2.64
C ASN A 324 -31.13 -14.16 -2.11
N PRO A 325 -30.76 -13.46 -1.02
CA PRO A 325 -31.59 -12.44 -0.37
C PRO A 325 -31.93 -11.24 -1.23
N TRP A 326 -31.32 -11.15 -2.41
CA TRP A 326 -31.60 -10.03 -3.28
C TRP A 326 -32.44 -10.45 -4.45
N PHE A 327 -32.70 -11.74 -4.57
CA PHE A 327 -33.46 -12.24 -5.72
C PHE A 327 -34.88 -11.70 -5.89
N ARG A 328 -35.61 -11.55 -4.78
CA ARG A 328 -36.98 -11.03 -4.85
C ARG A 328 -37.01 -9.60 -5.38
N ASP A 329 -36.10 -8.75 -4.89
CA ASP A 329 -36.05 -7.38 -5.40
C ASP A 329 -35.71 -7.46 -6.88
N PHE A 330 -34.78 -8.33 -7.23
CA PHE A 330 -34.39 -8.50 -8.62
C PHE A 330 -35.62 -8.87 -9.47
N TRP A 331 -36.37 -9.85 -8.97
CA TRP A 331 -37.56 -10.34 -9.63
C TRP A 331 -38.59 -9.23 -9.87
N GLU A 332 -38.98 -8.55 -8.80
CA GLU A 332 -39.96 -7.47 -8.90
C GLU A 332 -39.58 -6.35 -9.85
N GLN A 333 -38.30 -6.04 -9.92
CA GLN A 333 -37.84 -4.98 -10.79
C GLN A 333 -37.73 -5.44 -12.23
N LYS A 334 -37.27 -6.66 -12.45
CA LYS A 334 -37.13 -7.18 -13.80
C LYS A 334 -38.48 -7.29 -14.47
N PHE A 335 -39.45 -7.83 -13.75
CA PHE A 335 -40.80 -8.01 -14.27
C PHE A 335 -41.79 -6.92 -13.86
N GLN A 336 -41.37 -5.94 -13.07
CA GLN A 336 -42.28 -4.90 -12.62
C GLN A 336 -43.36 -5.61 -11.80
N CYS A 337 -42.90 -6.47 -10.90
CA CYS A 337 -43.73 -7.30 -10.04
C CYS A 337 -44.33 -6.69 -8.81
N SER A 338 -44.44 -7.57 -7.82
CA SER A 338 -44.99 -7.33 -6.49
C SER A 338 -45.57 -8.67 -6.09
N LEU A 339 -45.41 -9.05 -4.82
CA LEU A 339 -45.98 -10.30 -4.33
C LEU A 339 -46.70 -9.95 -3.03
N GLN A 340 -45.89 -9.73 -2.00
CA GLN A 340 -46.33 -9.35 -0.66
C GLN A 340 -45.03 -8.90 -0.01
N ASN A 341 -44.00 -8.80 -0.84
CA ASN A 341 -42.65 -8.41 -0.44
C ASN A 341 -42.13 -7.25 -1.29
N LYS A 342 -42.89 -6.16 -1.36
CA LYS A 342 -42.49 -4.99 -2.13
C LYS A 342 -43.03 -3.72 -1.47
N ARG A 343 -42.79 -2.58 -2.10
CA ARG A 343 -43.26 -1.29 -1.58
C ARG A 343 -44.78 -1.20 -1.77
N ASN A 344 -45.40 -0.24 -1.10
CA ASN A 344 -46.84 -0.02 -1.15
C ASN A 344 -47.36 0.31 -2.56
N HIS A 345 -47.21 -0.64 -3.49
CA HIS A 345 -47.65 -0.42 -4.87
C HIS A 345 -48.82 -1.27 -5.33
N ARG A 346 -48.78 -1.68 -6.60
CA ARG A 346 -49.83 -2.48 -7.19
C ARG A 346 -49.34 -3.47 -8.25
N GLN A 347 -50.30 -4.20 -8.83
CA GLN A 347 -50.06 -5.19 -9.88
C GLN A 347 -49.33 -6.45 -9.42
N VAL A 348 -50.04 -7.33 -8.72
CA VAL A 348 -49.45 -8.58 -8.24
C VAL A 348 -48.78 -9.27 -9.41
N CYS A 349 -48.03 -10.33 -9.13
CA CYS A 349 -47.30 -11.01 -10.20
C CYS A 349 -47.69 -12.40 -10.63
N ASP A 350 -47.72 -12.59 -11.93
CA ASP A 350 -48.08 -13.88 -12.51
C ASP A 350 -47.09 -14.98 -12.06
N LYS A 351 -47.63 -15.97 -11.37
CA LYS A 351 -46.85 -17.09 -10.85
C LYS A 351 -46.16 -17.90 -11.95
N HIS A 352 -46.53 -17.65 -13.19
CA HIS A 352 -45.94 -18.38 -14.32
C HIS A 352 -44.81 -17.63 -15.01
N LEU A 353 -44.46 -16.48 -14.45
CA LEU A 353 -43.38 -15.66 -14.98
C LEU A 353 -42.10 -16.48 -14.86
N ALA A 354 -41.14 -16.22 -15.74
CA ALA A 354 -39.90 -16.97 -15.69
C ALA A 354 -38.78 -16.34 -16.47
N ILE A 355 -37.55 -16.56 -16.01
CA ILE A 355 -36.37 -16.05 -16.69
C ILE A 355 -36.15 -17.04 -17.83
N ASP A 356 -36.19 -16.57 -19.07
CA ASP A 356 -35.99 -17.46 -20.20
C ASP A 356 -35.37 -16.79 -21.40
N SER A 357 -35.19 -17.58 -22.46
CA SER A 357 -34.59 -17.12 -23.70
C SER A 357 -35.13 -15.83 -24.31
N SER A 358 -36.31 -15.38 -23.93
CA SER A 358 -36.84 -14.16 -24.52
C SER A 358 -36.63 -12.88 -23.69
N ASN A 359 -36.30 -13.03 -22.40
CA ASN A 359 -36.08 -11.86 -21.55
C ASN A 359 -34.74 -11.86 -20.83
N TYR A 360 -33.88 -12.77 -21.23
CA TYR A 360 -32.58 -12.90 -20.60
C TYR A 360 -31.46 -13.21 -21.58
N GLU A 361 -30.33 -12.54 -21.43
CA GLU A 361 -29.18 -12.84 -22.25
C GLU A 361 -28.01 -12.84 -21.30
N GLN A 362 -27.20 -13.89 -21.33
CA GLN A 362 -26.05 -13.99 -20.44
C GLN A 362 -25.13 -12.77 -20.51
N GLU A 363 -24.75 -12.25 -19.35
CA GLU A 363 -23.87 -11.08 -19.24
C GLU A 363 -22.49 -11.38 -19.83
N SER A 364 -21.93 -10.40 -20.50
CA SER A 364 -20.63 -10.56 -21.14
C SER A 364 -19.48 -11.15 -20.31
N LYS A 365 -19.41 -10.85 -19.02
CA LYS A 365 -18.30 -11.35 -18.23
C LYS A 365 -18.53 -12.58 -17.36
N ILE A 366 -19.67 -13.24 -17.48
CA ILE A 366 -19.92 -14.41 -16.66
C ILE A 366 -18.75 -15.40 -16.69
N MET A 367 -18.21 -15.65 -17.88
CA MET A 367 -17.08 -16.56 -18.06
C MET A 367 -15.93 -16.25 -17.10
N PHE A 368 -15.67 -14.96 -16.91
CA PHE A 368 -14.60 -14.52 -16.03
C PHE A 368 -14.90 -14.75 -14.58
N VAL A 369 -16.18 -14.64 -14.21
CA VAL A 369 -16.54 -14.89 -12.84
C VAL A 369 -16.33 -16.36 -12.56
N VAL A 370 -16.84 -17.21 -13.43
CA VAL A 370 -16.68 -18.65 -13.24
C VAL A 370 -15.21 -19.03 -13.22
N ASN A 371 -14.44 -18.53 -14.18
CA ASN A 371 -13.01 -18.85 -14.20
C ASN A 371 -12.27 -18.37 -12.95
N ALA A 372 -12.67 -17.23 -12.40
CA ALA A 372 -12.04 -16.72 -11.18
C ALA A 372 -12.28 -17.64 -9.98
N VAL A 373 -13.52 -18.12 -9.83
CA VAL A 373 -13.85 -19.00 -8.72
C VAL A 373 -13.10 -20.32 -8.88
N TYR A 374 -13.04 -20.82 -10.11
CA TYR A 374 -12.34 -22.08 -10.34
C TYR A 374 -10.82 -21.91 -10.14
N ALA A 375 -10.28 -20.74 -10.48
CA ALA A 375 -8.85 -20.51 -10.31
C ALA A 375 -8.53 -20.68 -8.84
N MET A 376 -9.32 -20.02 -7.99
CA MET A 376 -9.13 -20.11 -6.55
C MET A 376 -9.32 -21.55 -6.14
N ALA A 377 -10.37 -22.21 -6.66
CA ALA A 377 -10.62 -23.61 -6.32
C ALA A 377 -9.41 -24.48 -6.63
N HIS A 378 -8.93 -24.40 -7.87
CA HIS A 378 -7.77 -25.16 -8.31
C HIS A 378 -6.55 -24.85 -7.43
N ALA A 379 -6.37 -23.58 -7.08
CA ALA A 379 -5.27 -23.17 -6.21
C ALA A 379 -5.36 -23.88 -4.86
N LEU A 380 -6.53 -23.85 -4.24
CA LEU A 380 -6.71 -24.50 -2.95
C LEU A 380 -6.51 -26.02 -3.06
N HIS A 381 -6.96 -26.60 -4.17
CA HIS A 381 -6.82 -28.03 -4.41
C HIS A 381 -5.34 -28.42 -4.49
N LYS A 382 -4.57 -27.67 -5.27
CA LYS A 382 -3.16 -27.98 -5.39
C LYS A 382 -2.54 -27.87 -4.00
N MET A 383 -2.90 -26.85 -3.25
CA MET A 383 -2.35 -26.72 -1.90
C MET A 383 -2.79 -27.87 -1.00
N GLN A 384 -4.04 -28.31 -1.11
CA GLN A 384 -4.49 -29.40 -0.26
C GLN A 384 -3.76 -30.72 -0.60
N ARG A 385 -3.53 -31.00 -1.88
CA ARG A 385 -2.80 -32.22 -2.25
C ARG A 385 -1.35 -32.12 -1.77
N THR A 386 -0.79 -30.92 -1.80
CA THR A 386 0.58 -30.71 -1.38
C THR A 386 0.83 -30.82 0.13
N LEU A 387 -0.05 -30.23 0.94
CA LEU A 387 0.13 -30.27 2.40
C LEU A 387 -0.64 -31.37 3.11
N CYS A 388 -1.62 -31.95 2.42
CA CYS A 388 -2.42 -33.01 2.99
C CYS A 388 -2.33 -34.22 2.07
N PRO A 389 -1.14 -34.80 1.93
CA PRO A 389 -0.92 -35.96 1.07
C PRO A 389 -1.65 -37.25 1.44
N GLN A 390 -2.12 -37.37 2.68
CA GLN A 390 -2.80 -38.59 3.11
C GLN A 390 -4.33 -38.67 3.03
N THR A 391 -5.02 -37.53 2.96
CA THR A 391 -6.50 -37.53 2.84
C THR A 391 -6.99 -36.43 1.92
N THR A 392 -8.28 -36.48 1.62
CA THR A 392 -8.90 -35.47 0.76
C THR A 392 -9.47 -34.37 1.64
N LYS A 393 -9.23 -34.49 2.94
CA LYS A 393 -9.75 -33.53 3.88
C LYS A 393 -8.75 -32.50 4.34
N LEU A 394 -9.29 -31.42 4.89
CA LEU A 394 -8.50 -30.30 5.40
C LEU A 394 -7.72 -30.79 6.61
N CYS A 395 -6.54 -31.34 6.36
CA CYS A 395 -5.73 -31.83 7.46
C CYS A 395 -5.29 -30.65 8.31
N ASP A 396 -4.56 -30.90 9.39
CA ASP A 396 -4.12 -29.84 10.28
C ASP A 396 -3.15 -28.80 9.68
N ALA A 397 -2.24 -29.25 8.81
CA ALA A 397 -1.28 -28.33 8.19
C ALA A 397 -1.96 -27.24 7.35
N MET A 398 -3.24 -27.47 7.02
CA MET A 398 -4.03 -26.52 6.24
C MET A 398 -5.06 -25.86 7.14
N LYS A 399 -4.99 -26.16 8.43
CA LYS A 399 -5.93 -25.61 9.41
C LYS A 399 -5.86 -24.09 9.36
N ILE A 400 -4.65 -23.56 9.23
CA ILE A 400 -4.44 -22.12 9.11
C ILE A 400 -3.66 -21.86 7.83
N LEU A 401 -4.37 -21.40 6.79
CA LEU A 401 -3.72 -21.18 5.51
C LEU A 401 -2.64 -20.12 5.50
N ASP A 402 -1.62 -20.34 4.68
CA ASP A 402 -0.54 -19.37 4.50
C ASP A 402 -1.00 -18.60 3.25
N GLY A 403 -1.59 -17.42 3.47
CA GLY A 403 -2.10 -16.64 2.37
C GLY A 403 -1.06 -16.27 1.34
N LYS A 404 0.13 -15.92 1.81
CA LYS A 404 1.24 -15.53 0.95
C LYS A 404 1.55 -16.68 -0.02
N LYS A 405 1.75 -17.87 0.55
CA LYS A 405 2.05 -19.06 -0.22
C LYS A 405 0.93 -19.28 -1.23
N LEU A 406 -0.30 -19.34 -0.73
CA LEU A 406 -1.47 -19.51 -1.59
C LEU A 406 -1.40 -18.59 -2.79
N TYR A 407 -1.06 -17.32 -2.59
CA TYR A 407 -0.99 -16.42 -3.71
C TYR A 407 0.09 -16.82 -4.75
N LYS A 408 1.12 -17.55 -4.32
CA LYS A 408 2.20 -18.04 -5.20
C LYS A 408 2.25 -19.60 -5.24
N GLU A 409 1.09 -20.16 -5.59
CA GLU A 409 0.72 -21.58 -5.74
C GLU A 409 -0.55 -21.35 -6.58
N TYR A 410 -0.92 -20.09 -6.69
CA TYR A 410 -2.09 -19.65 -7.43
C TYR A 410 -1.68 -18.83 -8.65
N LEU A 411 -0.60 -18.07 -8.53
CA LEU A 411 -0.12 -17.29 -9.67
C LEU A 411 0.40 -18.23 -10.74
N LEU A 412 0.94 -19.36 -10.29
CA LEU A 412 1.51 -20.34 -11.21
C LEU A 412 0.46 -21.29 -11.76
N LYS A 413 -0.79 -21.04 -11.43
CA LYS A 413 -1.88 -21.91 -11.86
C LYS A 413 -2.16 -21.84 -13.35
N ILE A 414 -2.27 -23.00 -13.99
CA ILE A 414 -2.59 -23.11 -15.42
C ILE A 414 -3.54 -24.29 -15.52
N GLN A 415 -4.78 -24.05 -15.95
CA GLN A 415 -5.77 -25.12 -16.06
C GLN A 415 -6.77 -24.83 -17.17
N PHE A 416 -7.43 -25.86 -17.71
CA PHE A 416 -8.40 -25.64 -18.79
C PHE A 416 -9.72 -25.13 -18.25
N THR A 417 -10.20 -24.06 -18.86
CA THR A 417 -11.44 -23.42 -18.45
C THR A 417 -12.50 -24.37 -17.96
N ALA A 418 -13.03 -24.08 -16.76
CA ALA A 418 -14.07 -24.88 -16.15
C ALA A 418 -14.84 -25.54 -17.27
N PRO A 419 -15.02 -26.88 -17.18
CA PRO A 419 -15.71 -27.73 -18.15
C PRO A 419 -16.57 -26.97 -19.15
N PHE A 420 -17.28 -25.99 -18.62
CA PHE A 420 -18.21 -25.16 -19.35
C PHE A 420 -17.68 -24.48 -20.61
N ASN A 421 -16.52 -24.92 -21.08
CA ASN A 421 -15.95 -24.36 -22.29
C ASN A 421 -15.53 -25.46 -23.27
N PRO A 422 -16.14 -25.49 -24.46
CA PRO A 422 -15.80 -26.50 -25.47
C PRO A 422 -14.35 -26.40 -25.92
N ASN A 423 -13.86 -27.45 -26.57
CA ASN A 423 -12.49 -27.50 -27.07
C ASN A 423 -11.44 -27.10 -26.03
N LYS A 424 -10.20 -26.94 -26.50
CA LYS A 424 -9.07 -26.55 -25.66
C LYS A 424 -8.01 -25.91 -26.57
N GLY A 425 -8.39 -25.72 -27.83
CA GLY A 425 -7.47 -25.14 -28.81
C GLY A 425 -7.48 -23.62 -28.87
N ALA A 426 -8.64 -23.00 -28.65
CA ALA A 426 -8.75 -21.55 -28.67
C ALA A 426 -8.21 -21.00 -27.35
N ASP A 427 -7.07 -21.54 -26.94
CA ASP A 427 -6.41 -21.19 -25.68
C ASP A 427 -7.43 -20.80 -24.61
N SER A 428 -8.21 -21.80 -24.20
CA SER A 428 -9.23 -21.63 -23.18
C SER A 428 -8.60 -22.09 -21.88
N ILE A 429 -7.39 -21.61 -21.63
CA ILE A 429 -6.68 -21.97 -20.43
C ILE A 429 -6.62 -20.73 -19.57
N VAL A 430 -6.83 -20.89 -18.27
CA VAL A 430 -6.78 -19.75 -17.39
C VAL A 430 -5.44 -19.81 -16.68
N LYS A 431 -4.76 -18.68 -16.64
CA LYS A 431 -3.45 -18.56 -16.00
C LYS A 431 -3.23 -17.07 -15.79
N PHE A 432 -2.14 -16.71 -15.12
CA PHE A 432 -1.86 -15.30 -14.86
C PHE A 432 -0.47 -14.80 -15.26
N ASP A 433 -0.40 -13.49 -15.51
CA ASP A 433 0.83 -12.77 -15.82
C ASP A 433 1.69 -12.90 -14.58
N THR A 434 2.82 -12.22 -14.63
CA THR A 434 3.74 -12.14 -13.52
C THR A 434 3.04 -11.07 -12.68
N PHE A 435 2.28 -10.21 -13.36
CA PHE A 435 1.54 -9.14 -12.69
C PHE A 435 0.22 -9.67 -12.14
N GLY A 436 -0.21 -10.83 -12.62
CA GLY A 436 -1.46 -11.42 -12.14
C GLY A 436 -2.63 -11.06 -13.02
N ASP A 437 -2.38 -10.65 -14.25
CA ASP A 437 -3.45 -10.27 -15.15
C ASP A 437 -3.72 -11.38 -16.14
N GLY A 438 -4.76 -11.20 -16.95
CA GLY A 438 -5.12 -12.18 -17.95
C GLY A 438 -4.89 -11.64 -19.35
N MET A 439 -5.15 -12.49 -20.35
CA MET A 439 -4.95 -12.14 -21.76
C MET A 439 -5.84 -11.03 -22.28
N GLY A 440 -5.22 -10.07 -22.96
CA GLY A 440 -5.92 -8.91 -23.51
C GLY A 440 -6.62 -9.08 -24.85
N ARG A 441 -7.83 -9.64 -24.81
CA ARG A 441 -8.64 -9.85 -26.01
C ARG A 441 -9.94 -9.05 -25.91
N TYR A 442 -10.26 -8.28 -26.94
CA TYR A 442 -11.48 -7.48 -26.95
C TYR A 442 -12.30 -7.70 -28.21
N ASN A 443 -13.60 -7.48 -28.10
CA ASN A 443 -14.49 -7.60 -29.24
C ASN A 443 -15.07 -6.22 -29.44
N VAL A 444 -15.24 -5.82 -30.70
CA VAL A 444 -15.79 -4.49 -30.99
C VAL A 444 -17.24 -4.65 -31.38
N PHE A 445 -18.08 -3.79 -30.81
CA PHE A 445 -19.51 -3.84 -31.11
C PHE A 445 -20.01 -2.54 -31.69
N ASN A 446 -21.12 -2.64 -32.39
CA ASN A 446 -21.78 -1.51 -33.02
C ASN A 446 -23.25 -1.58 -32.60
N LEU A 447 -23.78 -0.49 -32.05
CA LEU A 447 -25.17 -0.50 -31.64
C LEU A 447 -26.05 -0.31 -32.86
N GLN A 448 -26.88 -1.29 -33.14
CA GLN A 448 -27.77 -1.24 -34.28
C GLN A 448 -29.25 -1.28 -33.87
N GLN A 449 -30.11 -1.41 -34.86
CA GLN A 449 -31.54 -1.44 -34.61
C GLN A 449 -32.26 -2.10 -35.77
N THR A 450 -31.49 -2.39 -36.83
CA THR A 450 -31.98 -3.03 -38.05
C THR A 450 -33.41 -3.60 -38.00
N GLY A 451 -33.65 -4.55 -37.11
CA GLY A 451 -34.98 -5.14 -37.02
C GLY A 451 -35.91 -4.49 -36.02
N GLY A 452 -36.11 -3.18 -36.13
CA GLY A 452 -36.98 -2.48 -35.21
C GLY A 452 -36.45 -2.37 -33.79
N LYS A 453 -35.77 -3.42 -33.34
CA LYS A 453 -35.19 -3.49 -32.00
C LYS A 453 -33.72 -3.07 -32.04
N TYR A 454 -33.24 -2.56 -30.92
CA TYR A 454 -31.86 -2.10 -30.78
C TYR A 454 -31.01 -3.19 -30.12
N SER A 455 -29.90 -3.56 -30.78
CA SER A 455 -29.00 -4.60 -30.26
C SER A 455 -27.55 -4.32 -30.60
N TYR A 456 -26.64 -5.08 -30.01
CA TYR A 456 -25.21 -4.90 -30.26
C TYR A 456 -24.68 -5.99 -31.19
N LEU A 457 -24.05 -5.59 -32.28
CA LEU A 457 -23.51 -6.55 -33.23
C LEU A 457 -22.00 -6.55 -33.19
N LYS A 458 -21.38 -7.73 -33.20
CA LYS A 458 -19.93 -7.78 -33.17
C LYS A 458 -19.42 -7.42 -34.55
N VAL A 459 -18.74 -6.29 -34.66
CA VAL A 459 -18.22 -5.84 -35.94
C VAL A 459 -16.71 -5.92 -36.01
N GLY A 460 -16.10 -6.68 -35.11
CA GLY A 460 -14.65 -6.82 -35.13
C GLY A 460 -14.07 -7.29 -33.82
N HIS A 461 -12.76 -7.14 -33.68
CA HIS A 461 -12.08 -7.54 -32.46
C HIS A 461 -10.61 -7.12 -32.49
N TRP A 462 -9.99 -7.14 -31.32
CA TRP A 462 -8.60 -6.74 -31.20
C TRP A 462 -7.82 -7.79 -30.43
N ALA A 463 -6.95 -8.51 -31.14
CA ALA A 463 -6.14 -9.54 -30.50
C ALA A 463 -4.78 -8.98 -30.16
N GLU A 464 -4.12 -8.39 -31.15
CA GLU A 464 -2.81 -7.79 -30.93
C GLU A 464 -2.74 -6.67 -31.95
N THR A 465 -3.62 -6.78 -32.94
CA THR A 465 -3.76 -5.83 -34.03
C THR A 465 -5.27 -5.73 -34.26
N LEU A 466 -5.72 -4.57 -34.75
CA LEU A 466 -7.15 -4.38 -35.00
C LEU A 466 -7.61 -5.32 -36.10
N SER A 467 -8.92 -5.48 -36.19
CA SER A 467 -9.51 -6.36 -37.18
C SER A 467 -11.04 -6.22 -37.13
N LEU A 468 -11.62 -5.71 -38.22
CA LEU A 468 -13.07 -5.52 -38.27
C LEU A 468 -13.60 -5.34 -39.69
N ASP A 469 -14.66 -6.05 -40.05
CA ASP A 469 -15.21 -5.90 -41.40
C ASP A 469 -16.10 -4.65 -41.43
N VAL A 470 -15.50 -3.57 -41.91
CA VAL A 470 -16.16 -2.27 -42.00
C VAL A 470 -17.55 -2.31 -42.64
N ASP A 471 -17.78 -3.28 -43.53
CA ASP A 471 -19.07 -3.36 -44.20
C ASP A 471 -20.29 -3.56 -43.30
N SER A 472 -20.17 -4.39 -42.28
CA SER A 472 -21.32 -4.65 -41.42
C SER A 472 -21.68 -3.52 -40.44
N ILE A 473 -20.82 -2.52 -40.31
CA ILE A 473 -21.07 -1.42 -39.36
C ILE A 473 -22.11 -0.38 -39.81
N HIS A 474 -23.14 -0.19 -38.99
CA HIS A 474 -24.19 0.79 -39.26
C HIS A 474 -23.86 2.09 -38.55
N TRP A 475 -23.39 3.08 -39.30
CA TRP A 475 -23.04 4.35 -38.68
C TRP A 475 -24.23 5.23 -38.41
N SER A 476 -24.00 6.22 -37.56
CA SER A 476 -25.03 7.19 -37.21
C SER A 476 -25.15 8.12 -38.43
N ARG A 477 -26.40 8.40 -38.83
CA ARG A 477 -26.64 9.26 -39.98
C ARG A 477 -26.14 8.60 -41.26
N ASN A 478 -26.30 7.28 -41.32
CA ASN A 478 -25.92 6.46 -42.47
C ASN A 478 -24.60 6.73 -43.18
N SER A 479 -23.74 7.56 -42.62
CA SER A 479 -22.48 7.85 -43.29
C SER A 479 -21.27 7.70 -42.36
N VAL A 480 -20.24 7.01 -42.84
CA VAL A 480 -19.02 6.83 -42.05
C VAL A 480 -18.62 8.22 -41.58
N PRO A 481 -18.74 8.48 -40.27
CA PRO A 481 -18.41 9.76 -39.63
C PRO A 481 -17.11 10.41 -40.05
N THR A 482 -17.09 11.73 -39.97
CA THR A 482 -15.91 12.52 -40.28
C THR A 482 -15.60 13.31 -39.01
N SER A 483 -14.37 13.18 -38.52
CA SER A 483 -13.97 13.88 -37.31
C SER A 483 -12.56 14.45 -37.46
N GLN A 484 -12.46 15.55 -38.18
CA GLN A 484 -11.17 16.21 -38.40
C GLN A 484 -11.22 17.65 -37.93
N CYS A 485 -10.06 18.17 -37.54
CA CYS A 485 -10.02 19.54 -37.04
C CYS A 485 -10.53 20.58 -38.02
N SER A 486 -10.05 20.52 -39.26
CA SER A 486 -10.46 21.48 -40.28
C SER A 486 -10.98 20.83 -41.55
N ASP A 487 -11.81 21.57 -42.28
CA ASP A 487 -12.41 21.11 -43.53
C ASP A 487 -11.43 20.75 -44.62
N PRO A 488 -11.81 19.78 -45.48
CA PRO A 488 -10.92 19.37 -46.57
C PRO A 488 -10.85 20.52 -47.60
N CYS A 489 -9.70 20.66 -48.25
CA CYS A 489 -9.53 21.73 -49.22
C CYS A 489 -10.25 21.49 -50.52
N ALA A 490 -10.62 22.58 -51.18
CA ALA A 490 -11.27 22.50 -52.48
C ALA A 490 -10.18 21.98 -53.39
N PRO A 491 -10.54 21.16 -54.38
CA PRO A 491 -9.50 20.64 -55.26
C PRO A 491 -8.91 21.75 -56.09
N ASN A 492 -9.78 22.26 -56.96
CA ASN A 492 -9.48 23.32 -57.93
C ASN A 492 -8.36 24.29 -57.60
N GLU A 493 -8.06 24.51 -56.32
CA GLU A 493 -6.99 25.44 -56.04
C GLU A 493 -6.36 25.32 -54.68
N MET A 494 -7.19 25.38 -53.64
CA MET A 494 -6.72 25.33 -52.27
C MET A 494 -5.60 24.30 -52.02
N LYS A 495 -4.69 24.68 -51.15
CA LYS A 495 -3.55 23.87 -50.76
C LYS A 495 -3.70 23.68 -49.25
N ASN A 496 -3.10 22.61 -48.72
CA ASN A 496 -3.16 22.33 -47.30
C ASN A 496 -2.02 23.11 -46.62
N MET A 497 -2.34 23.81 -45.55
CA MET A 497 -1.35 24.58 -44.79
C MET A 497 -1.47 24.26 -43.30
N GLN A 498 -0.40 23.74 -42.72
CA GLN A 498 -0.38 23.38 -41.31
C GLN A 498 0.15 24.51 -40.44
N PRO A 499 -0.69 25.02 -39.52
CA PRO A 499 -0.29 26.12 -38.62
C PRO A 499 0.79 25.76 -37.60
N GLY A 500 0.39 25.68 -36.33
CA GLY A 500 1.33 25.34 -35.28
C GLY A 500 1.28 23.88 -34.85
N ASP A 501 0.10 23.27 -34.95
CA ASP A 501 -0.09 21.87 -34.58
C ASP A 501 0.06 20.92 -35.78
N VAL A 502 -0.55 19.75 -35.69
CA VAL A 502 -0.48 18.76 -36.76
C VAL A 502 -1.82 18.08 -37.02
N CYS A 503 -2.90 18.75 -36.63
CA CYS A 503 -4.24 18.23 -36.85
C CYS A 503 -5.12 19.26 -37.53
N CYS A 504 -4.80 20.53 -37.32
CA CYS A 504 -5.58 21.60 -37.92
C CYS A 504 -4.81 22.22 -39.07
N TRP A 505 -5.53 22.82 -40.01
CA TRP A 505 -4.90 23.43 -41.16
C TRP A 505 -5.85 24.39 -41.86
N ILE A 506 -5.30 25.22 -42.73
CA ILE A 506 -6.12 26.16 -43.50
C ILE A 506 -5.94 25.84 -44.98
N CYS A 507 -6.93 26.23 -45.78
CA CYS A 507 -6.89 26.01 -47.21
C CYS A 507 -6.68 27.33 -47.96
N ILE A 508 -5.51 27.44 -48.61
CA ILE A 508 -5.14 28.64 -49.35
C ILE A 508 -5.31 28.40 -50.85
N PRO A 509 -6.27 29.09 -51.50
CA PRO A 509 -6.42 28.84 -52.94
C PRO A 509 -5.14 29.29 -53.63
N CYS A 510 -4.92 28.84 -54.86
CA CYS A 510 -3.71 29.23 -55.55
C CYS A 510 -3.91 30.13 -56.72
N GLU A 511 -2.81 30.70 -57.19
CA GLU A 511 -2.88 31.60 -58.33
C GLU A 511 -3.34 30.78 -59.52
N PRO A 512 -4.24 31.34 -60.34
CA PRO A 512 -4.73 30.61 -61.50
C PRO A 512 -3.64 30.00 -62.39
N TYR A 513 -2.42 30.50 -62.23
CA TYR A 513 -1.30 30.01 -63.02
C TYR A 513 -0.43 29.01 -62.26
N GLU A 514 -0.84 28.68 -61.03
CA GLU A 514 -0.11 27.73 -60.19
C GLU A 514 -0.83 26.39 -60.20
N TYR A 515 -0.11 25.32 -59.89
CA TYR A 515 -0.69 23.99 -59.81
C TYR A 515 -0.26 23.37 -58.48
N LEU A 516 -0.91 22.29 -58.09
CA LEU A 516 -0.57 21.63 -56.82
C LEU A 516 0.50 20.56 -57.00
N VAL A 517 1.74 20.92 -56.70
CA VAL A 517 2.85 19.98 -56.79
C VAL A 517 2.63 18.87 -55.77
N ASP A 518 1.71 19.13 -54.85
CA ASP A 518 1.32 18.19 -53.79
C ASP A 518 0.28 18.86 -52.90
N GLU A 519 -0.49 18.04 -52.20
CA GLU A 519 -1.54 18.53 -51.30
C GLU A 519 -1.20 19.83 -50.56
N PHE A 520 0.03 19.97 -50.12
CA PHE A 520 0.45 21.13 -49.34
C PHE A 520 1.16 22.27 -50.07
N THR A 521 1.57 22.06 -51.30
CA THR A 521 2.29 23.11 -52.00
C THR A 521 1.84 23.55 -53.37
N CYS A 522 1.79 24.86 -53.57
CA CYS A 522 1.43 25.40 -54.86
C CYS A 522 2.68 25.89 -55.53
N MET A 523 2.73 25.75 -56.84
CA MET A 523 3.89 26.17 -57.56
C MET A 523 3.54 26.76 -58.92
N ASP A 524 4.29 27.78 -59.30
CA ASP A 524 4.07 28.45 -60.57
C ASP A 524 4.41 27.47 -61.69
N CYS A 525 3.51 27.36 -62.66
CA CYS A 525 3.72 26.48 -63.80
C CYS A 525 4.82 27.03 -64.69
N GLY A 526 5.13 28.31 -64.52
CA GLY A 526 6.18 28.94 -65.31
C GLY A 526 5.68 29.52 -66.63
N PRO A 527 6.48 30.37 -67.26
CA PRO A 527 6.12 31.01 -68.54
C PRO A 527 5.77 30.01 -69.63
N GLY A 528 4.73 30.33 -70.40
CA GLY A 528 4.30 29.47 -71.48
C GLY A 528 3.40 28.33 -71.05
N GLN A 529 3.45 27.99 -69.76
CA GLN A 529 2.64 26.92 -69.22
C GLN A 529 1.53 27.40 -68.30
N TRP A 530 0.49 26.59 -68.19
CA TRP A 530 -0.67 26.88 -67.37
C TRP A 530 -1.04 25.55 -66.70
N PRO A 531 -1.62 25.60 -65.49
CA PRO A 531 -1.99 24.35 -64.81
C PRO A 531 -3.10 23.57 -65.51
N THR A 532 -3.09 22.25 -65.32
CA THR A 532 -4.10 21.36 -65.92
C THR A 532 -5.44 21.46 -65.19
N ALA A 533 -6.53 21.24 -65.91
CA ALA A 533 -7.86 21.30 -65.33
C ALA A 533 -7.90 20.69 -63.93
N ASP A 534 -7.23 19.54 -63.77
CA ASP A 534 -7.22 18.86 -62.48
C ASP A 534 -6.14 19.35 -61.50
N LEU A 535 -5.27 20.22 -62.00
CA LEU A 535 -4.20 20.83 -61.21
C LEU A 535 -3.03 19.93 -60.85
N SER A 536 -3.01 18.73 -61.39
CA SER A 536 -1.93 17.79 -61.10
C SER A 536 -0.64 18.16 -61.83
N GLY A 537 -0.77 18.85 -62.96
CA GLY A 537 0.40 19.24 -63.74
C GLY A 537 0.17 20.49 -64.57
N CYS A 538 1.08 20.70 -65.52
CA CYS A 538 0.98 21.88 -66.38
C CYS A 538 0.96 21.49 -67.86
N TYR A 539 0.42 22.38 -68.69
CA TYR A 539 0.38 22.14 -70.13
C TYR A 539 0.75 23.41 -70.88
N ASN A 540 1.40 23.26 -72.03
CA ASN A 540 1.81 24.40 -72.83
C ASN A 540 0.65 25.26 -73.29
N LEU A 541 0.92 26.56 -73.48
CA LEU A 541 -0.10 27.49 -73.93
C LEU A 541 0.06 27.82 -75.41
N PRO A 542 -1.07 27.86 -76.13
CA PRO A 542 -1.11 28.16 -77.58
C PRO A 542 -0.97 29.66 -77.87
N GLU A 543 -1.12 30.03 -79.14
CA GLU A 543 -1.03 31.42 -79.61
C GLU A 543 0.40 31.91 -79.83
N PHE B 4 -9.01 -15.59 26.34
CA PHE B 4 -10.29 -15.30 27.06
C PHE B 4 -10.40 -13.80 27.39
N MET B 5 -9.47 -13.30 28.21
CA MET B 5 -9.49 -11.89 28.59
C MET B 5 -8.45 -11.05 27.85
N ARG B 6 -8.89 -10.32 26.84
CA ARG B 6 -8.01 -9.45 26.07
C ARG B 6 -8.23 -8.04 26.59
N ARG B 7 -7.27 -7.58 27.38
CA ARG B 7 -7.31 -6.28 28.02
C ARG B 7 -7.22 -5.05 27.12
N GLU B 8 -7.72 -3.94 27.63
CA GLU B 8 -7.68 -2.67 26.93
C GLU B 8 -8.17 -1.57 27.83
N ILE B 9 -7.83 -0.35 27.50
CA ILE B 9 -8.25 0.80 28.30
C ILE B 9 -9.24 1.61 27.46
N LYS B 10 -10.41 1.87 28.06
CA LYS B 10 -11.47 2.62 27.40
C LYS B 10 -12.01 3.71 28.31
N ILE B 11 -11.64 4.95 28.03
CA ILE B 11 -12.11 6.08 28.81
C ILE B 11 -12.88 6.96 27.84
N GLU B 12 -14.14 7.20 28.14
CA GLU B 12 -14.98 8.02 27.25
C GLU B 12 -14.62 9.49 27.28
N GLY B 13 -14.92 10.17 26.18
CA GLY B 13 -14.63 11.58 26.08
C GLY B 13 -15.41 12.17 24.92
N ASP B 14 -15.31 13.48 24.74
CA ASP B 14 -15.98 14.14 23.63
C ASP B 14 -15.25 13.74 22.34
N LEU B 15 -13.93 13.57 22.45
CA LEU B 15 -13.07 13.13 21.35
C LEU B 15 -12.19 12.03 21.94
N VAL B 16 -11.96 10.95 21.19
CA VAL B 16 -11.13 9.85 21.70
C VAL B 16 -9.88 9.51 20.89
N LEU B 17 -8.76 9.36 21.57
CA LEU B 17 -7.51 9.01 20.91
C LEU B 17 -7.20 7.55 21.14
N GLY B 18 -6.86 6.85 20.05
CA GLY B 18 -6.49 5.46 20.18
C GLY B 18 -5.03 5.43 20.54
N GLY B 19 -4.58 4.34 21.14
CA GLY B 19 -3.17 4.25 21.49
C GLY B 19 -2.68 2.84 21.30
N LEU B 20 -1.42 2.70 20.88
CA LEU B 20 -0.83 1.38 20.67
C LEU B 20 0.52 1.33 21.38
N PHE B 21 0.68 0.35 22.26
CA PHE B 21 1.92 0.21 22.99
C PHE B 21 2.26 -1.25 23.17
N PRO B 22 3.55 -1.59 23.06
CA PRO B 22 4.02 -2.97 23.22
C PRO B 22 4.08 -3.20 24.72
N ILE B 23 2.91 -3.22 25.36
CA ILE B 23 2.81 -3.43 26.81
C ILE B 23 3.46 -4.78 27.13
N ASN B 24 3.18 -5.76 26.29
CA ASN B 24 3.75 -7.08 26.46
C ASN B 24 4.80 -7.39 25.38
N GLU B 25 5.72 -8.28 25.73
CA GLU B 25 6.79 -8.71 24.84
C GLU B 25 6.19 -9.73 23.88
N LYS B 26 6.86 -10.00 22.76
CA LYS B 26 6.35 -10.98 21.80
C LYS B 26 6.21 -12.36 22.43
N GLY B 27 5.04 -12.95 22.29
CA GLY B 27 4.83 -14.28 22.83
C GLY B 27 5.68 -15.28 22.05
N THR B 28 6.23 -16.27 22.75
CA THR B 28 7.08 -17.28 22.10
C THR B 28 6.29 -18.50 21.63
N GLY B 29 6.63 -18.99 20.44
CA GLY B 29 5.94 -20.15 19.90
C GLY B 29 4.48 -19.89 19.56
N THR B 30 3.58 -20.60 20.25
CA THR B 30 2.15 -20.47 20.00
C THR B 30 1.47 -19.29 20.71
N GLU B 31 1.96 -18.92 21.89
CA GLU B 31 1.37 -17.79 22.63
C GLU B 31 1.69 -16.47 21.93
N GLU B 32 0.70 -15.59 21.88
CA GLU B 32 0.85 -14.30 21.21
C GLU B 32 1.56 -13.22 22.02
N CYS B 33 1.25 -13.13 23.30
CA CYS B 33 1.86 -12.13 24.15
C CYS B 33 2.68 -12.77 25.25
N GLY B 34 3.85 -12.21 25.55
CA GLY B 34 4.71 -12.77 26.58
C GLY B 34 4.79 -11.99 27.88
N ARG B 35 6.02 -11.69 28.31
CA ARG B 35 6.26 -10.94 29.55
C ARG B 35 5.96 -9.45 29.37
N ILE B 36 5.78 -8.76 30.49
CA ILE B 36 5.50 -7.33 30.46
C ILE B 36 6.75 -6.58 30.04
N ASN B 37 6.61 -5.62 29.14
CA ASN B 37 7.73 -4.80 28.70
C ASN B 37 7.62 -3.58 29.63
N GLU B 38 8.29 -3.66 30.78
CA GLU B 38 8.24 -2.62 31.80
C GLU B 38 8.46 -1.18 31.36
N ASP B 39 9.60 -0.92 30.73
CA ASP B 39 9.95 0.43 30.32
C ASP B 39 9.32 0.96 29.05
N ARG B 40 9.60 0.32 27.93
CA ARG B 40 9.05 0.74 26.66
C ARG B 40 7.59 0.34 26.56
N GLY B 41 7.06 -0.30 27.60
CA GLY B 41 5.69 -0.71 27.57
C GLY B 41 4.83 0.06 28.55
N ILE B 42 4.85 -0.36 29.81
CA ILE B 42 4.06 0.31 30.84
C ILE B 42 4.38 1.80 30.96
N GLN B 43 5.65 2.15 31.05
CA GLN B 43 6.03 3.56 31.17
C GLN B 43 5.46 4.42 30.03
N ARG B 44 5.61 3.94 28.79
CA ARG B 44 5.12 4.69 27.65
C ARG B 44 3.59 4.75 27.64
N LEU B 45 2.95 3.73 28.21
CA LEU B 45 1.49 3.69 28.27
C LEU B 45 1.03 4.77 29.27
N GLU B 46 1.65 4.74 30.46
CA GLU B 46 1.30 5.67 31.51
C GLU B 46 1.62 7.09 31.10
N ALA B 47 2.63 7.26 30.26
CA ALA B 47 2.97 8.60 29.83
C ALA B 47 1.81 9.18 29.02
N MET B 48 1.10 8.33 28.27
CA MET B 48 -0.03 8.81 27.49
C MET B 48 -1.17 9.19 28.43
N LEU B 49 -1.50 8.32 29.37
CA LEU B 49 -2.57 8.63 30.33
C LEU B 49 -2.19 9.92 31.06
N PHE B 50 -0.89 10.08 31.32
CA PHE B 50 -0.40 11.26 31.99
C PHE B 50 -0.72 12.49 31.13
N ALA B 51 -0.42 12.39 29.84
CA ALA B 51 -0.65 13.48 28.91
C ALA B 51 -2.13 13.83 28.79
N ILE B 52 -2.99 12.82 28.63
CA ILE B 52 -4.42 13.08 28.52
C ILE B 52 -4.91 13.78 29.79
N ASP B 53 -4.46 13.29 30.95
CA ASP B 53 -4.84 13.90 32.22
C ASP B 53 -4.50 15.39 32.23
N GLU B 54 -3.24 15.71 31.98
CA GLU B 54 -2.81 17.11 31.96
C GLU B 54 -3.69 17.92 31.02
N ILE B 55 -3.82 17.45 29.79
CA ILE B 55 -4.63 18.12 28.78
C ILE B 55 -6.08 18.34 29.23
N ASN B 56 -6.60 17.41 30.03
CA ASN B 56 -7.96 17.56 30.51
C ASN B 56 -8.09 18.49 31.73
N LYS B 57 -6.97 19.03 32.19
CA LYS B 57 -6.92 19.98 33.30
C LYS B 57 -6.50 21.33 32.71
N ASP B 58 -6.03 21.30 31.47
CA ASP B 58 -5.57 22.50 30.80
C ASP B 58 -6.75 23.29 30.22
N ASN B 59 -6.90 24.54 30.65
CA ASN B 59 -8.00 25.38 30.19
C ASN B 59 -7.65 26.22 28.98
N TYR B 60 -6.45 26.02 28.44
CA TYR B 60 -6.01 26.77 27.28
C TYR B 60 -5.90 25.84 26.08
N LEU B 61 -6.01 24.55 26.37
CA LEU B 61 -5.91 23.51 25.34
C LEU B 61 -7.10 22.58 25.44
N LEU B 62 -7.91 22.59 24.39
CA LEU B 62 -9.07 21.73 24.35
C LEU B 62 -9.94 21.94 25.57
N PRO B 63 -10.15 23.20 25.96
CA PRO B 63 -11.02 23.47 27.12
C PRO B 63 -12.42 23.24 26.55
N GLY B 64 -13.32 22.62 27.29
CA GLY B 64 -14.63 22.40 26.70
C GLY B 64 -14.72 21.10 25.91
N VAL B 65 -13.58 20.44 25.69
CA VAL B 65 -13.59 19.16 24.99
C VAL B 65 -12.70 18.19 25.77
N LYS B 66 -13.32 17.15 26.32
CA LYS B 66 -12.59 16.17 27.10
C LYS B 66 -12.08 15.01 26.23
N LEU B 67 -10.78 14.79 26.25
CA LEU B 67 -10.20 13.71 25.48
C LEU B 67 -10.39 12.39 26.22
N GLY B 68 -10.70 11.35 25.46
CA GLY B 68 -10.87 10.02 26.02
C GLY B 68 -9.79 9.20 25.36
N VAL B 69 -9.75 7.91 25.64
CA VAL B 69 -8.73 7.05 25.03
C VAL B 69 -9.18 5.62 24.79
N HIS B 70 -8.58 4.99 23.80
CA HIS B 70 -8.85 3.59 23.53
C HIS B 70 -7.46 3.05 23.28
N ILE B 71 -6.85 2.53 24.34
CA ILE B 71 -5.49 2.02 24.26
C ILE B 71 -5.42 0.51 24.19
N LEU B 72 -4.61 0.01 23.26
CA LEU B 72 -4.46 -1.42 23.08
C LEU B 72 -3.00 -1.85 23.10
N ASP B 73 -2.82 -3.13 23.41
CA ASP B 73 -1.52 -3.77 23.49
C ASP B 73 -1.15 -4.27 22.08
N THR B 74 0.09 -4.09 21.67
CA THR B 74 0.53 -4.54 20.35
C THR B 74 1.27 -5.87 20.47
N CYS B 75 1.68 -6.21 21.69
CA CYS B 75 2.42 -7.43 21.98
C CYS B 75 3.62 -7.57 21.06
N SER B 76 4.21 -6.42 20.74
CA SER B 76 5.40 -6.35 19.90
C SER B 76 5.30 -7.06 18.56
N ARG B 77 4.08 -7.31 18.09
CA ARG B 77 3.91 -7.99 16.80
C ARG B 77 3.01 -7.18 15.87
N ASP B 78 3.52 -6.92 14.68
CA ASP B 78 2.74 -6.15 13.72
C ASP B 78 1.38 -6.80 13.43
N THR B 79 1.37 -8.11 13.17
CA THR B 79 0.11 -8.79 12.88
C THR B 79 -0.91 -8.60 13.99
N TYR B 80 -0.48 -8.82 15.24
CA TYR B 80 -1.38 -8.66 16.38
C TYR B 80 -1.84 -7.19 16.48
N ALA B 81 -0.91 -6.26 16.33
CA ALA B 81 -1.27 -4.85 16.38
C ALA B 81 -2.38 -4.58 15.37
N LEU B 82 -2.20 -5.16 14.18
CA LEU B 82 -3.15 -5.00 13.10
C LEU B 82 -4.54 -5.51 13.48
N GLU B 83 -4.62 -6.69 14.08
CA GLU B 83 -5.92 -7.24 14.49
C GLU B 83 -6.56 -6.27 15.48
N GLN B 84 -5.76 -5.76 16.42
CA GLN B 84 -6.24 -4.80 17.42
C GLN B 84 -6.78 -3.53 16.75
N SER B 85 -5.96 -2.91 15.91
CA SER B 85 -6.36 -1.68 15.23
C SER B 85 -7.71 -1.73 14.55
N LEU B 86 -8.13 -2.92 14.18
CA LEU B 86 -9.42 -3.11 13.52
C LEU B 86 -10.49 -2.48 14.40
N GLU B 87 -10.20 -2.46 15.69
CA GLU B 87 -11.10 -1.91 16.69
C GLU B 87 -11.33 -0.42 16.46
N PHE B 88 -10.29 0.26 16.00
CA PHE B 88 -10.37 1.69 15.75
C PHE B 88 -11.25 2.05 14.55
N VAL B 89 -11.24 1.22 13.52
CA VAL B 89 -12.04 1.51 12.33
C VAL B 89 -13.46 1.02 12.41
N ARG B 90 -13.70 -0.09 13.10
CA ARG B 90 -15.07 -0.59 13.23
C ARG B 90 -15.90 0.50 13.87
N ALA B 91 -15.25 1.28 14.72
CA ALA B 91 -15.87 2.38 15.43
C ALA B 91 -16.56 3.37 14.48
N SER B 92 -15.81 3.85 13.49
CA SER B 92 -16.36 4.81 12.54
C SER B 92 -17.48 4.26 11.65
N LEU B 93 -18.26 3.34 12.20
CA LEU B 93 -19.36 2.74 11.46
C LEU B 93 -20.67 2.78 12.27
N ILE B 114 -21.07 0.85 22.33
CA ILE B 114 -19.89 0.13 22.82
C ILE B 114 -18.59 0.60 22.17
N PRO B 115 -18.59 0.78 20.83
CA PRO B 115 -17.39 1.22 20.09
C PRO B 115 -17.16 2.73 20.15
N LEU B 116 -15.95 3.15 20.55
CA LEU B 116 -15.58 4.56 20.68
C LEU B 116 -15.01 5.14 19.38
N LEU B 117 -15.52 6.30 18.97
CA LEU B 117 -15.05 6.95 17.73
C LEU B 117 -13.61 7.45 17.91
N ILE B 118 -12.75 7.15 16.96
CA ILE B 118 -11.36 7.56 17.05
C ILE B 118 -11.02 8.78 16.21
N ALA B 119 -10.54 9.82 16.87
CA ALA B 119 -10.13 11.05 16.21
C ALA B 119 -8.78 10.88 15.54
N GLY B 120 -7.91 10.07 16.14
CA GLY B 120 -6.58 9.83 15.62
C GLY B 120 -5.92 8.80 16.52
N VAL B 121 -4.82 8.18 16.06
CA VAL B 121 -4.16 7.17 16.88
C VAL B 121 -2.74 7.49 17.29
N ILE B 122 -2.48 7.44 18.59
CA ILE B 122 -1.12 7.68 19.06
C ILE B 122 -0.50 6.32 19.11
N GLY B 123 0.59 6.13 18.39
CA GLY B 123 1.12 4.81 18.48
C GLY B 123 1.95 4.22 17.37
N GLY B 124 2.47 3.06 17.79
CA GLY B 124 3.36 2.28 16.99
C GLY B 124 4.69 2.56 17.66
N SER B 125 5.27 1.54 18.28
CA SER B 125 6.59 1.67 18.87
C SER B 125 7.47 1.11 17.76
N TYR B 126 7.44 -0.22 17.61
CA TYR B 126 8.22 -0.89 16.57
C TYR B 126 7.80 -0.38 15.19
N SER B 127 8.77 -0.08 14.32
CA SER B 127 8.44 0.38 12.98
C SER B 127 7.49 -0.57 12.23
N SER B 128 7.64 -1.87 12.45
CA SER B 128 6.78 -2.83 11.76
C SER B 128 5.30 -2.63 12.08
N VAL B 129 4.98 -2.44 13.36
CA VAL B 129 3.58 -2.28 13.70
C VAL B 129 3.06 -0.93 13.19
N SER B 130 3.88 0.12 13.28
CA SER B 130 3.41 1.41 12.79
C SER B 130 3.07 1.35 11.31
N ILE B 131 3.96 0.74 10.54
CA ILE B 131 3.77 0.61 9.11
C ILE B 131 2.48 -0.16 8.78
N GLN B 132 2.28 -1.30 9.43
CA GLN B 132 1.07 -2.08 9.17
C GLN B 132 -0.16 -1.29 9.59
N VAL B 133 -0.13 -0.76 10.81
CA VAL B 133 -1.24 0.01 11.31
C VAL B 133 -1.49 1.21 10.39
N ALA B 134 -0.41 1.84 9.94
CA ALA B 134 -0.54 2.97 9.07
C ALA B 134 -1.21 2.54 7.77
N ASN B 135 -0.96 1.29 7.34
CA ASN B 135 -1.58 0.81 6.11
C ASN B 135 -3.09 0.67 6.30
N LEU B 136 -3.49 0.24 7.51
CA LEU B 136 -4.91 0.06 7.80
C LEU B 136 -5.61 1.39 8.01
N LEU B 137 -5.04 2.22 8.87
CA LEU B 137 -5.61 3.51 9.19
C LEU B 137 -5.85 4.50 8.06
N ARG B 138 -5.05 4.46 6.98
CA ARG B 138 -5.28 5.42 5.88
C ARG B 138 -6.54 5.09 5.10
N LEU B 139 -6.94 3.83 5.08
CA LEU B 139 -8.13 3.45 4.39
C LEU B 139 -9.33 4.18 4.95
N PHE B 140 -9.26 4.62 6.20
CA PHE B 140 -10.37 5.31 6.82
C PHE B 140 -10.05 6.73 7.24
N GLN B 141 -8.98 7.27 6.66
CA GLN B 141 -8.50 8.61 6.92
C GLN B 141 -8.36 8.92 8.41
N ILE B 142 -7.71 8.02 9.13
CA ILE B 142 -7.51 8.22 10.55
C ILE B 142 -6.05 8.60 10.79
N PRO B 143 -5.79 9.85 11.21
CA PRO B 143 -4.43 10.31 11.46
C PRO B 143 -3.71 9.54 12.57
N GLN B 144 -2.41 9.34 12.38
CA GLN B 144 -1.63 8.55 13.31
C GLN B 144 -0.30 9.22 13.58
N ILE B 145 0.10 9.22 14.84
CA ILE B 145 1.38 9.82 15.24
C ILE B 145 2.17 8.81 16.04
N SER B 146 3.35 8.48 15.53
CA SER B 146 4.18 7.54 16.25
C SER B 146 5.17 8.31 17.10
N TYR B 147 5.40 7.81 18.30
CA TYR B 147 6.31 8.43 19.21
C TYR B 147 7.65 7.67 19.27
N ALA B 148 7.91 6.79 18.30
CA ALA B 148 9.16 6.03 18.33
C ALA B 148 9.63 5.35 17.03
N SER B 149 8.72 5.05 16.12
CA SER B 149 9.09 4.37 14.88
C SER B 149 9.97 5.21 13.98
N THR B 150 11.19 4.71 13.73
CA THR B 150 12.12 5.47 12.92
C THR B 150 12.42 5.00 11.51
N SER B 151 11.68 4.01 11.00
CA SER B 151 11.94 3.53 9.65
C SER B 151 11.72 4.58 8.58
N ALA B 152 12.72 4.78 7.72
CA ALA B 152 12.62 5.77 6.66
C ALA B 152 11.42 5.54 5.74
N LYS B 153 10.95 4.29 5.68
CA LYS B 153 9.83 4.01 4.80
C LYS B 153 8.66 4.89 5.17
N LEU B 154 8.45 5.08 6.46
CA LEU B 154 7.34 5.89 6.94
C LEU B 154 7.33 7.32 6.41
N SER B 155 8.46 7.80 5.90
CA SER B 155 8.52 9.15 5.34
C SER B 155 7.78 9.27 4.00
N ASP B 156 7.43 8.14 3.40
CA ASP B 156 6.75 8.11 2.11
C ASP B 156 5.25 8.44 2.22
N LYS B 157 4.91 9.71 2.01
CA LYS B 157 3.51 10.15 2.12
C LYS B 157 2.57 9.67 1.00
N SER B 158 3.02 8.74 0.19
CA SER B 158 2.19 8.21 -0.89
C SER B 158 1.68 6.82 -0.49
N ARG B 159 2.29 6.25 0.54
CA ARG B 159 1.89 4.95 1.05
C ARG B 159 1.38 5.18 2.46
N TYR B 160 1.97 6.16 3.15
CA TYR B 160 1.60 6.48 4.51
C TYR B 160 1.17 7.94 4.62
N ASP B 161 0.14 8.30 3.87
CA ASP B 161 -0.37 9.67 3.83
C ASP B 161 -1.12 10.15 5.08
N TYR B 162 -1.27 9.31 6.10
CA TYR B 162 -1.94 9.74 7.33
C TYR B 162 -1.08 9.49 8.53
N PHE B 163 0.22 9.30 8.30
CA PHE B 163 1.18 9.03 9.36
C PHE B 163 2.16 10.17 9.54
N ALA B 164 2.43 10.46 10.80
CA ALA B 164 3.39 11.49 11.19
C ALA B 164 4.04 10.88 12.42
N ARG B 165 5.17 11.43 12.83
CA ARG B 165 5.89 10.91 13.99
C ARG B 165 6.68 12.06 14.65
N THR B 166 6.81 12.04 15.97
CA THR B 166 7.56 13.08 16.67
C THR B 166 9.06 12.73 16.79
N VAL B 167 9.52 11.81 15.94
CA VAL B 167 10.91 11.40 15.97
C VAL B 167 11.40 11.46 14.54
N PRO B 168 12.73 11.38 14.33
CA PRO B 168 13.35 11.42 13.00
C PRO B 168 13.53 10.08 12.29
N PRO B 169 13.68 10.11 10.96
CA PRO B 169 13.88 8.90 10.13
C PRO B 169 15.32 8.40 10.25
N ASP B 170 15.50 7.09 10.26
CA ASP B 170 16.84 6.51 10.41
C ASP B 170 17.85 6.85 9.35
N PHE B 171 17.43 7.63 8.36
CA PHE B 171 18.35 8.07 7.33
C PHE B 171 19.52 8.75 8.07
N TYR B 172 19.20 9.45 9.15
CA TYR B 172 20.20 10.15 9.95
C TYR B 172 20.91 9.29 10.98
N GLN B 173 20.19 8.45 11.71
CA GLN B 173 20.80 7.61 12.72
C GLN B 173 21.88 6.74 12.12
N ALA B 174 21.73 6.40 10.85
CA ALA B 174 22.72 5.58 10.14
C ALA B 174 23.98 6.41 9.93
N LYS B 175 23.82 7.69 9.54
CA LYS B 175 24.96 8.56 9.31
C LYS B 175 25.71 8.71 10.61
N ALA B 176 24.99 9.00 11.68
CA ALA B 176 25.61 9.16 12.98
C ALA B 176 26.54 7.97 13.23
N MET B 177 26.01 6.77 13.04
CA MET B 177 26.79 5.56 13.27
C MET B 177 28.02 5.46 12.37
N ALA B 178 27.86 5.67 11.06
CA ALA B 178 28.98 5.59 10.14
C ALA B 178 30.05 6.60 10.56
N GLU B 179 29.62 7.82 10.90
CA GLU B 179 30.55 8.85 11.32
C GLU B 179 31.31 8.53 12.61
N ILE B 180 30.74 7.68 13.47
CA ILE B 180 31.44 7.30 14.70
C ILE B 180 32.54 6.33 14.30
N LEU B 181 32.22 5.43 13.37
CA LEU B 181 33.20 4.46 12.91
C LEU B 181 34.33 5.18 12.17
N ARG B 182 33.98 5.96 11.15
CA ARG B 182 34.97 6.70 10.36
C ARG B 182 35.89 7.50 11.27
N PHE B 183 35.35 7.93 12.41
CA PHE B 183 36.14 8.71 13.36
C PHE B 183 37.25 7.85 13.96
N PHE B 184 36.89 6.75 14.62
CA PHE B 184 37.88 5.86 15.24
C PHE B 184 38.55 4.96 14.21
N ASN B 185 38.41 5.32 12.94
CA ASN B 185 38.99 4.59 11.82
C ASN B 185 38.67 3.10 11.73
N TRP B 186 37.49 2.70 12.18
CA TRP B 186 37.09 1.30 12.09
C TRP B 186 36.64 1.09 10.64
N THR B 187 37.53 0.52 9.81
CA THR B 187 37.23 0.31 8.40
C THR B 187 36.78 -1.10 8.03
N TYR B 188 37.02 -2.05 8.91
CA TYR B 188 36.63 -3.45 8.67
C TYR B 188 35.67 -3.83 9.78
N VAL B 189 34.38 -3.61 9.54
CA VAL B 189 33.35 -3.91 10.53
C VAL B 189 32.32 -4.91 10.01
N SER B 190 31.69 -5.63 10.94
CA SER B 190 30.65 -6.58 10.60
C SER B 190 29.30 -5.97 11.02
N THR B 191 28.24 -6.35 10.32
CA THR B 191 26.92 -5.82 10.63
C THR B 191 25.92 -6.95 10.75
N VAL B 192 24.96 -6.76 11.65
CA VAL B 192 23.90 -7.74 11.85
C VAL B 192 22.62 -6.95 12.07
N ALA B 193 21.66 -7.15 11.16
CA ALA B 193 20.38 -6.45 11.20
C ALA B 193 19.20 -7.38 11.39
N SER B 194 18.09 -6.80 11.85
CA SER B 194 16.87 -7.56 12.04
C SER B 194 16.06 -7.50 10.75
N GLU B 195 15.43 -8.60 10.38
CA GLU B 195 14.61 -8.62 9.18
C GLU B 195 13.47 -7.61 9.38
N GLY B 196 13.09 -6.92 8.30
CA GLY B 196 12.01 -5.97 8.43
C GLY B 196 12.31 -4.58 7.97
N ASP B 197 11.33 -3.70 8.13
CA ASP B 197 11.46 -2.31 7.71
C ASP B 197 12.33 -1.49 8.65
N TYR B 198 12.65 -2.02 9.84
CA TYR B 198 13.49 -1.28 10.77
C TYR B 198 14.94 -1.65 10.55
N GLY B 199 15.26 -2.92 10.79
CA GLY B 199 16.62 -3.40 10.63
C GLY B 199 17.17 -3.37 9.22
N GLU B 200 16.46 -3.96 8.26
CA GLU B 200 16.96 -4.00 6.89
C GLU B 200 17.13 -2.62 6.21
N THR B 201 16.18 -1.72 6.37
CA THR B 201 16.35 -0.41 5.74
C THR B 201 17.38 0.36 6.55
N GLY B 202 17.39 0.12 7.85
CA GLY B 202 18.35 0.80 8.70
C GLY B 202 19.78 0.51 8.30
N ILE B 203 20.10 -0.78 8.18
CA ILE B 203 21.44 -1.20 7.79
C ILE B 203 21.77 -0.78 6.38
N GLU B 204 20.83 -0.93 5.45
CA GLU B 204 21.10 -0.52 4.08
C GLU B 204 21.60 0.91 4.11
N ALA B 205 20.87 1.77 4.82
CA ALA B 205 21.25 3.17 4.92
C ALA B 205 22.70 3.27 5.42
N PHE B 206 23.01 2.52 6.46
CA PHE B 206 24.35 2.53 7.01
C PHE B 206 25.43 2.10 6.01
N GLU B 207 25.19 0.97 5.35
CA GLU B 207 26.14 0.46 4.38
C GLU B 207 26.41 1.45 3.26
N GLN B 208 25.44 2.33 2.98
CA GLN B 208 25.63 3.33 1.94
C GLN B 208 26.50 4.44 2.51
N GLU B 209 26.28 4.75 3.78
CA GLU B 209 27.05 5.79 4.45
C GLU B 209 28.44 5.25 4.74
N ALA B 210 28.56 3.93 4.77
CA ALA B 210 29.84 3.28 5.03
C ALA B 210 30.77 3.38 3.82
N ARG B 211 30.25 3.04 2.64
CA ARG B 211 31.03 3.13 1.40
C ARG B 211 31.62 4.53 1.22
N LEU B 212 30.75 5.53 1.33
CA LEU B 212 31.18 6.90 1.16
C LEU B 212 32.32 7.29 2.09
N ARG B 213 32.36 6.73 3.29
CA ARG B 213 33.41 7.04 4.25
C ARG B 213 34.47 5.94 4.29
N ASN B 214 34.62 5.23 3.17
CA ASN B 214 35.57 4.13 3.04
C ASN B 214 35.63 3.19 4.23
N ILE B 215 34.57 2.39 4.38
CA ILE B 215 34.47 1.40 5.44
C ILE B 215 33.93 0.13 4.80
N CYS B 216 34.72 -0.94 4.86
CA CYS B 216 34.30 -2.21 4.27
C CYS B 216 33.56 -3.04 5.30
N ILE B 217 32.74 -3.94 4.80
CA ILE B 217 31.93 -4.78 5.66
C ILE B 217 32.34 -6.26 5.58
N ALA B 218 32.91 -6.75 6.67
CA ALA B 218 33.37 -8.13 6.78
C ALA B 218 32.25 -9.10 6.40
N THR B 219 31.21 -9.12 7.22
CA THR B 219 30.08 -10.00 6.96
C THR B 219 28.76 -9.34 7.35
N ALA B 220 27.77 -9.44 6.47
CA ALA B 220 26.46 -8.85 6.72
C ALA B 220 25.46 -9.90 7.15
N GLU B 221 25.32 -10.07 8.46
CA GLU B 221 24.42 -11.05 9.04
C GLU B 221 23.03 -10.43 9.24
N LYS B 222 22.01 -11.28 9.37
CA LYS B 222 20.65 -10.81 9.60
C LYS B 222 19.74 -11.87 10.20
N VAL B 223 19.26 -11.61 11.41
CA VAL B 223 18.36 -12.54 12.09
C VAL B 223 16.95 -12.18 11.65
N GLY B 224 16.02 -13.13 11.73
CA GLY B 224 14.67 -12.84 11.29
C GLY B 224 13.55 -13.15 12.28
N ARG B 225 12.36 -13.35 11.74
CA ARG B 225 11.16 -13.64 12.51
C ARG B 225 11.19 -15.00 13.19
N SER B 226 10.71 -15.01 14.44
CA SER B 226 10.62 -16.22 15.28
C SER B 226 11.91 -17.03 15.46
N ASN B 227 13.03 -16.50 14.99
CA ASN B 227 14.31 -17.19 15.10
C ASN B 227 14.59 -17.68 16.53
N ILE B 228 15.08 -18.91 16.64
CA ILE B 228 15.38 -19.51 17.92
C ILE B 228 16.88 -19.35 18.23
N ARG B 229 17.27 -19.73 19.44
CA ARG B 229 18.66 -19.66 19.87
C ARG B 229 19.65 -19.96 18.75
N LYS B 230 19.52 -21.14 18.14
CA LYS B 230 20.39 -21.59 17.06
C LYS B 230 20.61 -20.62 15.89
N SER B 231 19.63 -19.76 15.62
CA SER B 231 19.77 -18.79 14.54
C SER B 231 20.77 -17.71 14.94
N TYR B 232 20.82 -17.40 16.23
CA TYR B 232 21.73 -16.40 16.75
C TYR B 232 23.13 -16.98 16.93
N ASP B 233 23.20 -18.19 17.48
CA ASP B 233 24.48 -18.87 17.68
C ASP B 233 25.16 -18.97 16.31
N SER B 234 24.36 -19.29 15.30
CA SER B 234 24.83 -19.39 13.93
C SER B 234 25.39 -18.05 13.48
N VAL B 235 24.91 -16.96 14.09
CA VAL B 235 25.37 -15.63 13.74
C VAL B 235 26.64 -15.32 14.50
N ILE B 236 26.65 -15.64 15.79
CA ILE B 236 27.84 -15.39 16.60
C ILE B 236 29.02 -16.06 15.92
N ARG B 237 28.81 -17.30 15.47
CA ARG B 237 29.88 -18.02 14.80
C ARG B 237 30.40 -17.29 13.59
N GLU B 238 29.50 -16.97 12.66
CA GLU B 238 29.87 -16.26 11.44
C GLU B 238 30.55 -14.92 11.71
N LEU B 239 30.32 -14.35 12.90
CA LEU B 239 30.95 -13.09 13.28
C LEU B 239 32.38 -13.40 13.67
N LEU B 240 32.55 -14.49 14.41
CA LEU B 240 33.86 -14.95 14.85
C LEU B 240 34.77 -15.29 13.68
N GLN B 241 34.16 -15.70 12.56
CA GLN B 241 34.94 -16.05 11.38
C GLN B 241 35.40 -14.81 10.60
N LYS B 242 35.56 -13.73 11.34
CA LYS B 242 36.01 -12.45 10.82
C LYS B 242 36.64 -11.75 12.02
N PRO B 243 37.66 -12.40 12.60
CA PRO B 243 38.41 -11.94 13.78
C PRO B 243 38.96 -10.52 13.71
N ASN B 244 39.38 -10.10 12.52
CA ASN B 244 39.91 -8.75 12.35
C ASN B 244 38.81 -7.73 12.59
N ALA B 245 37.58 -8.09 12.22
CA ALA B 245 36.41 -7.25 12.40
C ALA B 245 35.94 -7.39 13.85
N ARG B 246 36.54 -6.60 14.73
CA ARG B 246 36.23 -6.66 16.16
C ARG B 246 35.04 -5.74 16.53
N VAL B 247 34.68 -4.85 15.61
CA VAL B 247 33.58 -3.91 15.78
C VAL B 247 32.36 -4.36 14.97
N VAL B 248 31.25 -4.66 15.66
CA VAL B 248 30.02 -5.12 15.00
C VAL B 248 28.87 -4.11 15.09
N VAL B 249 28.45 -3.60 13.93
CA VAL B 249 27.35 -2.64 13.87
C VAL B 249 26.00 -3.35 13.95
N LEU B 250 25.18 -2.94 14.91
CA LEU B 250 23.85 -3.53 15.10
C LEU B 250 22.71 -2.54 14.79
N PHE B 251 21.66 -3.07 14.18
CA PHE B 251 20.47 -2.30 13.80
C PHE B 251 19.40 -3.33 13.99
N MET B 252 19.07 -3.62 15.25
CA MET B 252 18.11 -4.66 15.54
C MET B 252 16.97 -4.31 16.50
N ARG B 253 15.90 -5.09 16.40
CA ARG B 253 14.75 -4.93 17.27
C ARG B 253 15.27 -5.09 18.69
N SER B 254 14.59 -4.49 19.65
CA SER B 254 14.99 -4.60 21.05
C SER B 254 15.12 -6.07 21.43
N ASP B 255 14.07 -6.84 21.20
CA ASP B 255 14.09 -8.26 21.53
C ASP B 255 15.21 -9.03 20.83
N ASP B 256 15.35 -8.82 19.52
CA ASP B 256 16.42 -9.50 18.78
C ASP B 256 17.77 -9.21 19.42
N SER B 257 18.02 -7.95 19.75
CA SER B 257 19.27 -7.57 20.36
C SER B 257 19.50 -8.36 21.63
N ARG B 258 18.43 -8.62 22.37
CA ARG B 258 18.52 -9.37 23.61
C ARG B 258 19.02 -10.79 23.31
N GLU B 259 18.48 -11.39 22.25
CA GLU B 259 18.84 -12.74 21.84
C GLU B 259 20.30 -12.85 21.37
N LEU B 260 20.74 -11.87 20.59
CA LEU B 260 22.09 -11.86 20.05
C LEU B 260 23.17 -11.76 21.14
N ILE B 261 22.96 -10.87 22.11
CA ILE B 261 23.92 -10.71 23.18
C ILE B 261 23.90 -11.94 24.09
N ALA B 262 22.78 -12.65 24.10
CA ALA B 262 22.66 -13.85 24.92
C ALA B 262 23.43 -14.98 24.22
N ALA B 263 23.39 -15.00 22.89
CA ALA B 263 24.07 -16.01 22.10
C ALA B 263 25.58 -15.78 22.12
N ALA B 264 25.97 -14.55 22.44
CA ALA B 264 27.38 -14.19 22.51
C ALA B 264 27.91 -14.58 23.87
N ASN B 265 27.09 -14.39 24.90
CA ASN B 265 27.48 -14.73 26.26
C ASN B 265 27.71 -16.23 26.43
N ARG B 266 26.90 -17.04 25.76
CA ARG B 266 27.01 -18.49 25.83
C ARG B 266 28.43 -18.92 25.46
N VAL B 267 28.80 -18.68 24.20
CA VAL B 267 30.13 -19.03 23.70
C VAL B 267 31.15 -17.97 24.11
N ASN B 268 30.80 -17.22 25.16
CA ASN B 268 31.64 -16.15 25.70
C ASN B 268 32.40 -15.34 24.65
N ALA B 269 31.82 -15.20 23.47
CA ALA B 269 32.44 -14.43 22.40
C ALA B 269 32.37 -12.96 22.84
N SER B 270 33.28 -12.14 22.32
CA SER B 270 33.29 -10.73 22.68
C SER B 270 33.66 -9.81 21.53
N PHE B 271 32.79 -8.84 21.27
CA PHE B 271 33.01 -7.85 20.21
C PHE B 271 32.70 -6.47 20.77
N THR B 272 33.05 -5.44 20.01
CA THR B 272 32.71 -4.09 20.43
C THR B 272 31.45 -3.76 19.65
N TRP B 273 30.34 -3.63 20.38
CA TRP B 273 29.03 -3.35 19.78
C TRP B 273 28.66 -1.87 19.56
N VAL B 274 28.22 -1.56 18.34
CA VAL B 274 27.76 -0.22 17.96
C VAL B 274 26.32 -0.43 17.47
N ALA B 275 25.37 -0.29 18.41
CA ALA B 275 23.96 -0.52 18.13
C ALA B 275 23.07 0.71 18.04
N SER B 276 22.01 0.59 17.24
CA SER B 276 21.05 1.67 17.06
C SER B 276 20.03 1.67 18.21
N ASP B 277 19.21 2.71 18.24
CA ASP B 277 18.22 2.89 19.30
C ASP B 277 17.40 1.64 19.59
N GLY B 278 17.42 0.68 18.66
CA GLY B 278 16.70 -0.57 18.91
C GLY B 278 17.20 -1.11 20.25
N TRP B 279 18.51 -1.06 20.42
CA TRP B 279 19.16 -1.49 21.64
C TRP B 279 19.05 -0.30 22.59
N GLY B 280 19.50 0.85 22.09
CA GLY B 280 19.44 2.07 22.87
C GLY B 280 20.14 1.97 24.22
N ALA B 281 19.56 2.62 25.22
CA ALA B 281 20.14 2.63 26.55
C ALA B 281 19.33 1.76 27.50
N GLN B 282 18.84 0.63 27.02
CA GLN B 282 18.08 -0.26 27.87
C GLN B 282 19.03 -1.14 28.67
N GLU B 283 18.79 -1.23 29.97
CA GLU B 283 19.61 -2.06 30.83
C GLU B 283 19.14 -3.50 30.75
N SER B 284 17.85 -3.68 30.46
CA SER B 284 17.24 -5.00 30.36
C SER B 284 17.81 -5.83 29.20
N ILE B 285 18.33 -5.16 28.19
CA ILE B 285 18.88 -5.84 27.03
C ILE B 285 20.18 -6.58 27.37
N VAL B 286 20.93 -6.02 28.30
CA VAL B 286 22.23 -6.56 28.69
C VAL B 286 22.20 -7.41 29.97
N LYS B 287 21.10 -7.33 30.72
CA LYS B 287 20.98 -8.10 31.96
C LYS B 287 21.29 -9.58 31.74
N GLY B 288 22.18 -10.13 32.57
CA GLY B 288 22.55 -11.53 32.44
C GLY B 288 23.59 -11.80 31.38
N SER B 289 24.32 -10.77 30.98
CA SER B 289 25.37 -10.88 29.96
C SER B 289 26.20 -9.62 29.98
N GLU B 290 26.02 -8.84 31.04
CA GLU B 290 26.70 -7.57 31.22
C GLU B 290 28.16 -7.52 30.76
N HIS B 291 28.92 -8.59 31.00
CA HIS B 291 30.33 -8.61 30.61
C HIS B 291 30.56 -8.73 29.10
N VAL B 292 29.64 -9.40 28.41
CA VAL B 292 29.77 -9.59 26.96
C VAL B 292 29.50 -8.30 26.18
N ALA B 293 28.78 -7.36 26.81
CA ALA B 293 28.45 -6.11 26.14
C ALA B 293 29.18 -4.91 26.74
N TYR B 294 30.05 -5.17 27.70
CA TYR B 294 30.81 -4.10 28.35
C TYR B 294 31.47 -3.24 27.28
N GLY B 295 31.46 -1.94 27.49
CA GLY B 295 32.09 -1.02 26.55
C GLY B 295 31.44 -0.92 25.18
N ALA B 296 30.16 -1.23 25.11
CA ALA B 296 29.43 -1.15 23.86
C ALA B 296 28.95 0.28 23.66
N ILE B 297 28.82 0.69 22.41
CA ILE B 297 28.35 2.03 22.11
C ILE B 297 26.98 1.92 21.48
N THR B 298 26.01 2.62 22.05
CA THR B 298 24.66 2.59 21.53
C THR B 298 24.11 3.99 21.34
N LEU B 299 23.23 4.13 20.37
CA LEU B 299 22.60 5.42 20.11
C LEU B 299 21.19 5.42 20.62
N GLU B 300 20.64 6.61 20.80
CA GLU B 300 19.26 6.76 21.25
C GLU B 300 18.86 8.15 20.83
N LEU B 301 17.56 8.37 20.64
CA LEU B 301 17.05 9.67 20.24
C LEU B 301 17.31 10.65 21.37
N ALA B 302 17.85 11.81 21.01
CA ALA B 302 18.17 12.84 21.99
C ALA B 302 16.90 13.39 22.62
N SER B 303 16.79 13.26 23.94
CA SER B 303 15.63 13.77 24.65
C SER B 303 16.03 14.33 26.01
N HIS B 304 15.08 14.96 26.68
CA HIS B 304 15.33 15.52 28.01
C HIS B 304 14.15 15.07 28.85
N PRO B 305 14.41 14.25 29.87
CA PRO B 305 13.33 13.76 30.73
C PRO B 305 12.22 14.76 31.05
N VAL B 306 11.02 14.24 31.29
CA VAL B 306 9.87 15.06 31.63
C VAL B 306 9.66 14.87 33.12
N ARG B 307 10.20 15.83 33.88
CA ARG B 307 10.15 15.83 35.34
C ARG B 307 8.78 15.56 35.94
N GLN B 308 7.77 16.26 35.43
CA GLN B 308 6.44 16.12 35.95
C GLN B 308 5.96 14.67 35.85
N PHE B 309 6.41 13.98 34.81
CA PHE B 309 6.04 12.59 34.60
C PHE B 309 6.58 11.69 35.71
N ASP B 310 7.84 11.92 36.09
CA ASP B 310 8.49 11.17 37.18
C ASP B 310 7.56 11.17 38.39
N ARG B 311 7.09 12.35 38.75
CA ARG B 311 6.21 12.49 39.90
C ARG B 311 5.01 11.58 39.72
N TYR B 312 4.35 11.73 38.58
CA TYR B 312 3.17 10.94 38.26
C TYR B 312 3.39 9.43 38.35
N PHE B 313 4.41 8.95 37.63
CA PHE B 313 4.70 7.53 37.60
C PHE B 313 5.04 6.92 38.93
N GLN B 314 5.85 7.61 39.72
CA GLN B 314 6.23 7.08 41.02
C GLN B 314 5.05 6.97 41.98
N SER B 315 4.09 7.87 41.83
CA SER B 315 2.89 7.89 42.65
C SER B 315 1.94 6.75 42.33
N LEU B 316 2.26 5.95 41.32
CA LEU B 316 1.38 4.85 40.92
C LEU B 316 1.59 3.56 41.70
N ASN B 317 0.49 2.89 42.02
CA ASN B 317 0.54 1.62 42.72
C ASN B 317 -0.74 0.83 42.48
N PRO B 318 -0.72 -0.50 42.70
CA PRO B 318 -1.89 -1.38 42.49
C PRO B 318 -3.16 -0.97 43.22
N TYR B 319 -3.05 -0.02 44.13
CA TYR B 319 -4.20 0.43 44.90
C TYR B 319 -4.91 1.56 44.19
N ASN B 320 -4.15 2.55 43.73
CA ASN B 320 -4.74 3.69 43.05
C ASN B 320 -4.88 3.56 41.53
N ASN B 321 -3.96 2.83 40.91
CA ASN B 321 -3.96 2.68 39.45
C ASN B 321 -4.77 1.52 38.84
N HIS B 322 -6.08 1.51 39.07
CA HIS B 322 -6.95 0.46 38.53
C HIS B 322 -7.35 0.62 37.05
N ARG B 323 -7.10 1.81 36.45
CA ARG B 323 -7.49 2.02 35.05
C ARG B 323 -6.55 1.34 34.06
N ASN B 324 -5.37 0.94 34.53
CA ASN B 324 -4.39 0.26 33.70
C ASN B 324 -4.45 -1.23 34.04
N PRO B 325 -5.20 -2.01 33.24
CA PRO B 325 -5.41 -3.46 33.40
C PRO B 325 -4.15 -4.33 33.31
N TRP B 326 -3.00 -3.72 33.07
CA TRP B 326 -1.75 -4.45 32.96
C TRP B 326 -0.84 -4.08 34.12
N PHE B 327 -1.28 -3.13 34.94
CA PHE B 327 -0.43 -2.68 36.03
C PHE B 327 -0.03 -3.75 37.03
N ARG B 328 -0.98 -4.58 37.45
CA ARG B 328 -0.69 -5.63 38.42
C ARG B 328 0.44 -6.50 37.88
N ASP B 329 0.23 -7.11 36.73
CA ASP B 329 1.26 -7.95 36.12
C ASP B 329 2.57 -7.16 36.15
N PHE B 330 2.53 -5.90 35.74
CA PHE B 330 3.73 -5.07 35.76
C PHE B 330 4.36 -5.14 37.16
N TRP B 331 3.56 -4.77 38.16
CA TRP B 331 4.00 -4.77 39.56
C TRP B 331 4.70 -6.10 39.94
N GLU B 332 3.89 -7.17 39.94
CA GLU B 332 4.38 -8.50 40.27
C GLU B 332 5.65 -8.93 39.53
N GLN B 333 5.93 -8.34 38.37
CA GLN B 333 7.14 -8.73 37.65
C GLN B 333 8.31 -7.81 38.00
N LYS B 334 8.03 -6.52 38.15
CA LYS B 334 9.08 -5.57 38.47
C LYS B 334 9.68 -5.87 39.82
N PHE B 335 8.82 -6.31 40.74
CA PHE B 335 9.22 -6.63 42.11
C PHE B 335 9.28 -8.13 42.43
N GLN B 336 8.91 -8.97 41.48
CA GLN B 336 8.91 -10.42 41.74
C GLN B 336 7.92 -10.60 42.88
N CYS B 337 6.72 -10.06 42.67
CA CYS B 337 5.65 -10.06 43.65
C CYS B 337 4.68 -11.22 43.68
N SER B 338 3.46 -10.86 44.07
CA SER B 338 2.31 -11.73 44.20
C SER B 338 1.38 -11.09 45.21
N LEU B 339 0.08 -11.26 45.00
CA LEU B 339 -0.93 -10.72 45.90
C LEU B 339 -1.96 -11.82 46.03
N GLN B 340 -2.86 -11.87 45.05
CA GLN B 340 -3.93 -12.86 44.96
C GLN B 340 -4.33 -12.85 43.48
N ASN B 341 -3.56 -12.09 42.70
CA ASN B 341 -3.78 -11.93 41.26
C ASN B 341 -2.51 -12.30 40.47
N LYS B 342 -2.07 -13.55 40.61
CA LYS B 342 -0.90 -14.05 39.90
C LYS B 342 -1.00 -15.56 39.71
N ARG B 343 0.04 -16.16 39.15
CA ARG B 343 0.06 -17.60 38.92
C ARG B 343 0.24 -18.30 40.28
N ASN B 344 0.08 -19.62 40.29
CA ASN B 344 0.22 -20.42 41.51
C ASN B 344 1.66 -20.44 42.03
N HIS B 345 2.15 -19.29 42.49
CA HIS B 345 3.53 -19.19 42.99
C HIS B 345 3.67 -19.00 44.50
N ARG B 346 4.62 -18.16 44.89
CA ARG B 346 4.88 -17.88 46.30
C ARG B 346 5.42 -16.47 46.53
N GLN B 347 5.61 -16.13 47.80
CA GLN B 347 6.15 -14.85 48.21
C GLN B 347 5.20 -13.66 48.01
N VAL B 348 4.18 -13.56 48.88
CA VAL B 348 3.24 -12.45 48.78
C VAL B 348 4.06 -11.14 48.82
N CYS B 349 3.44 -10.01 48.47
CA CYS B 349 4.22 -8.78 48.44
C CYS B 349 3.97 -7.67 49.44
N ASP B 350 5.09 -7.09 49.88
CA ASP B 350 5.10 -6.00 50.84
C ASP B 350 4.29 -4.81 50.34
N LYS B 351 3.19 -4.52 51.03
CA LYS B 351 2.30 -3.43 50.68
C LYS B 351 2.95 -2.04 50.72
N HIS B 352 4.21 -1.98 51.16
CA HIS B 352 4.93 -0.71 51.24
C HIS B 352 5.84 -0.49 50.03
N LEU B 353 5.83 -1.43 49.09
CA LEU B 353 6.66 -1.29 47.89
C LEU B 353 6.19 -0.07 47.11
N ALA B 354 7.10 0.51 46.33
CA ALA B 354 6.78 1.70 45.54
C ALA B 354 7.79 2.04 44.45
N ILE B 355 7.29 2.56 43.34
CA ILE B 355 8.16 2.95 42.25
C ILE B 355 8.85 4.23 42.70
N ASP B 356 10.17 4.27 42.62
CA ASP B 356 10.88 5.46 43.05
C ASP B 356 12.27 5.62 42.42
N SER B 357 12.96 6.67 42.86
CA SER B 357 14.28 7.04 42.39
C SER B 357 15.34 5.92 42.40
N SER B 358 15.14 4.92 43.24
CA SER B 358 16.12 3.82 43.34
C SER B 358 15.82 2.62 42.45
N ASN B 359 14.56 2.47 42.02
CA ASN B 359 14.20 1.32 41.19
C ASN B 359 13.58 1.67 39.83
N TYR B 360 13.53 2.97 39.52
CA TYR B 360 12.94 3.43 38.28
C TYR B 360 13.64 4.64 37.65
N GLU B 361 13.86 4.57 36.34
CA GLU B 361 14.49 5.67 35.61
C GLU B 361 13.62 5.92 34.35
N GLN B 362 13.29 7.18 34.10
CA GLN B 362 12.46 7.52 32.94
C GLN B 362 12.96 6.96 31.62
N GLU B 363 12.08 6.22 30.94
CA GLU B 363 12.39 5.61 29.65
C GLU B 363 12.83 6.73 28.72
N SER B 364 13.86 6.45 27.94
CA SER B 364 14.42 7.42 27.01
C SER B 364 13.48 8.22 26.09
N LYS B 365 12.40 7.60 25.60
CA LYS B 365 11.48 8.27 24.69
C LYS B 365 10.18 8.86 25.21
N ILE B 366 9.96 8.81 26.52
CA ILE B 366 8.74 9.37 27.09
C ILE B 366 8.42 10.78 26.57
N MET B 367 9.42 11.63 26.46
CA MET B 367 9.19 12.98 25.98
C MET B 367 8.49 12.95 24.62
N PHE B 368 8.76 11.93 23.82
CA PHE B 368 8.14 11.82 22.51
C PHE B 368 6.70 11.35 22.58
N VAL B 369 6.37 10.54 23.59
CA VAL B 369 5.00 10.10 23.73
C VAL B 369 4.16 11.31 24.11
N VAL B 370 4.63 12.07 25.09
CA VAL B 370 3.88 13.27 25.51
C VAL B 370 3.76 14.28 24.38
N ASN B 371 4.85 14.56 23.69
CA ASN B 371 4.77 15.49 22.57
C ASN B 371 3.80 14.99 21.50
N ALA B 372 3.69 13.67 21.34
CA ALA B 372 2.79 13.12 20.33
C ALA B 372 1.34 13.33 20.73
N VAL B 373 1.00 12.91 21.95
CA VAL B 373 -0.36 13.08 22.41
C VAL B 373 -0.73 14.56 22.38
N TYR B 374 0.24 15.42 22.62
CA TYR B 374 -0.05 16.85 22.61
C TYR B 374 -0.18 17.40 21.19
N ALA B 375 0.52 16.80 20.24
CA ALA B 375 0.44 17.30 18.88
C ALA B 375 -0.98 17.04 18.38
N MET B 376 -1.54 15.91 18.78
CA MET B 376 -2.88 15.55 18.37
C MET B 376 -3.85 16.55 19.00
N ALA B 377 -3.69 16.76 20.30
CA ALA B 377 -4.55 17.69 21.02
C ALA B 377 -4.52 19.05 20.35
N HIS B 378 -3.33 19.60 20.17
CA HIS B 378 -3.17 20.90 19.54
C HIS B 378 -3.86 20.95 18.20
N ALA B 379 -3.73 19.88 17.43
CA ALA B 379 -4.36 19.83 16.12
C ALA B 379 -5.89 19.90 16.28
N LEU B 380 -6.45 19.01 17.10
CA LEU B 380 -7.89 18.99 17.33
C LEU B 380 -8.34 20.36 17.84
N HIS B 381 -7.52 20.95 18.72
CA HIS B 381 -7.80 22.26 19.29
C HIS B 381 -7.87 23.37 18.24
N LYS B 382 -6.89 23.45 17.35
CA LYS B 382 -6.92 24.50 16.35
C LYS B 382 -8.10 24.29 15.41
N MET B 383 -8.44 23.04 15.16
CA MET B 383 -9.57 22.74 14.28
C MET B 383 -10.88 23.13 14.95
N GLN B 384 -11.01 22.84 16.24
CA GLN B 384 -12.25 23.18 16.91
C GLN B 384 -12.43 24.70 16.96
N ARG B 385 -11.35 25.44 17.16
CA ARG B 385 -11.47 26.89 17.18
C ARG B 385 -11.88 27.42 15.80
N THR B 386 -11.48 26.70 14.77
CA THR B 386 -11.79 27.15 13.43
C THR B 386 -13.20 26.87 12.98
N LEU B 387 -13.66 25.65 13.20
CA LEU B 387 -15.00 25.24 12.78
C LEU B 387 -16.09 25.55 13.79
N CYS B 388 -15.70 25.82 15.04
CA CYS B 388 -16.65 26.11 16.08
C CYS B 388 -16.32 27.46 16.70
N PRO B 389 -16.53 28.53 15.94
CA PRO B 389 -16.26 29.90 16.40
C PRO B 389 -17.09 30.45 17.56
N GLN B 390 -18.17 29.79 17.93
CA GLN B 390 -19.02 30.31 19.01
C GLN B 390 -18.76 29.76 20.42
N THR B 391 -18.46 28.48 20.52
CA THR B 391 -18.24 27.88 21.84
C THR B 391 -16.88 27.23 21.94
N THR B 392 -16.70 26.47 23.01
CA THR B 392 -15.48 25.75 23.24
C THR B 392 -15.85 24.27 23.22
N LYS B 393 -17.07 24.00 22.76
CA LYS B 393 -17.56 22.63 22.71
C LYS B 393 -17.54 22.08 21.29
N LEU B 394 -17.63 20.77 21.18
CA LEU B 394 -17.63 20.09 19.91
C LEU B 394 -18.97 20.43 19.24
N CYS B 395 -18.96 21.46 18.39
CA CYS B 395 -20.16 21.88 17.70
C CYS B 395 -20.50 20.88 16.60
N ASP B 396 -21.65 21.03 15.98
CA ASP B 396 -22.07 20.10 14.94
C ASP B 396 -21.09 19.95 13.78
N ALA B 397 -20.39 21.01 13.44
CA ALA B 397 -19.44 20.95 12.33
C ALA B 397 -18.35 19.92 12.56
N MET B 398 -18.04 19.69 13.83
CA MET B 398 -17.01 18.72 14.19
C MET B 398 -17.60 17.40 14.67
N LYS B 399 -18.90 17.23 14.51
CA LYS B 399 -19.56 15.99 14.95
C LYS B 399 -18.99 14.81 14.16
N ILE B 400 -18.60 15.06 12.91
CA ILE B 400 -17.99 14.04 12.08
C ILE B 400 -16.73 14.65 11.50
N LEU B 401 -15.60 14.31 12.11
CA LEU B 401 -14.31 14.85 11.67
C LEU B 401 -13.88 14.46 10.27
N ASP B 402 -13.32 15.45 9.57
CA ASP B 402 -12.77 15.24 8.26
C ASP B 402 -11.30 14.94 8.56
N GLY B 403 -10.98 13.65 8.60
CA GLY B 403 -9.62 13.22 8.89
C GLY B 403 -8.54 13.78 7.97
N LYS B 404 -8.88 13.93 6.69
CA LYS B 404 -7.92 14.44 5.71
C LYS B 404 -7.53 15.84 6.11
N LYS B 405 -8.53 16.66 6.43
CA LYS B 405 -8.27 18.03 6.84
C LYS B 405 -7.45 18.03 8.12
N LEU B 406 -7.84 17.20 9.08
CA LEU B 406 -7.13 17.11 10.35
C LEU B 406 -5.67 16.86 10.14
N TYR B 407 -5.35 15.96 9.21
CA TYR B 407 -3.96 15.65 8.92
C TYR B 407 -3.26 16.86 8.33
N LYS B 408 -4.00 17.75 7.68
CA LYS B 408 -3.41 18.99 7.13
C LYS B 408 -3.98 20.26 7.84
N GLU B 409 -3.75 20.27 9.14
CA GLU B 409 -4.13 21.27 10.15
C GLU B 409 -3.13 20.79 11.22
N TYR B 410 -2.77 19.53 11.08
CA TYR B 410 -1.84 18.84 11.96
C TYR B 410 -0.38 18.90 11.46
N LEU B 411 -0.18 18.73 10.17
CA LEU B 411 1.17 18.82 9.64
C LEU B 411 1.70 20.22 9.83
N LEU B 412 0.81 21.21 9.73
CA LEU B 412 1.21 22.61 9.87
C LEU B 412 1.27 23.07 11.32
N LYS B 413 1.32 22.12 12.24
CA LYS B 413 1.34 22.42 13.66
C LYS B 413 2.73 22.78 14.20
N ILE B 414 2.83 23.86 14.97
CA ILE B 414 4.09 24.30 15.58
C ILE B 414 3.78 24.83 16.99
N GLN B 415 4.20 24.13 18.03
CA GLN B 415 3.93 24.58 19.39
C GLN B 415 5.10 24.26 20.35
N PHE B 416 5.19 24.95 21.47
CA PHE B 416 6.27 24.69 22.43
C PHE B 416 6.00 23.45 23.24
N THR B 417 6.97 22.56 23.29
CA THR B 417 6.82 21.29 24.03
C THR B 417 5.99 21.43 25.27
N ALA B 418 5.00 20.54 25.40
CA ALA B 418 4.11 20.54 26.55
C ALA B 418 4.92 21.08 27.72
N PRO B 419 4.35 22.04 28.47
CA PRO B 419 4.93 22.73 29.64
C PRO B 419 6.10 21.98 30.30
N PHE B 420 6.04 20.67 30.22
CA PHE B 420 7.02 19.80 30.81
C PHE B 420 8.46 19.96 30.33
N ASN B 421 8.71 20.98 29.51
CA ASN B 421 10.06 21.25 29.01
C ASN B 421 10.46 22.68 29.35
N PRO B 422 11.56 22.83 30.10
CA PRO B 422 12.06 24.15 30.50
C PRO B 422 12.53 24.95 29.28
N ASN B 423 12.71 26.26 29.47
CA ASN B 423 13.16 27.14 28.40
C ASN B 423 12.37 26.95 27.11
N LYS B 424 12.87 27.55 26.04
CA LYS B 424 12.25 27.47 24.72
C LYS B 424 13.33 27.82 23.69
N GLY B 425 14.57 27.87 24.17
CA GLY B 425 15.71 28.21 23.32
C GLY B 425 16.36 27.04 22.60
N ALA B 426 16.47 25.89 23.28
CA ALA B 426 17.07 24.70 22.68
C ALA B 426 16.05 24.11 21.71
N ASP B 427 15.39 25.00 20.99
CA ASP B 427 14.34 24.65 20.04
C ASP B 427 13.53 23.48 20.55
N SER B 428 12.67 23.79 21.51
CA SER B 428 11.81 22.78 22.10
C SER B 428 10.42 22.94 21.50
N ILE B 429 10.38 23.16 20.19
CA ILE B 429 9.12 23.31 19.49
C ILE B 429 8.83 22.01 18.74
N VAL B 430 7.57 21.55 18.81
CA VAL B 430 7.24 20.33 18.09
C VAL B 430 6.55 20.75 16.80
N LYS B 431 7.02 20.19 15.69
CA LYS B 431 6.47 20.47 14.38
C LYS B 431 6.82 19.29 13.50
N PHE B 432 6.51 19.37 12.22
CA PHE B 432 6.78 18.23 11.35
C PHE B 432 7.32 18.59 9.98
N ASP B 433 8.05 17.64 9.39
CA ASP B 433 8.57 17.81 8.04
C ASP B 433 7.39 17.84 7.12
N THR B 434 7.69 17.97 5.85
CA THR B 434 6.69 17.95 4.81
C THR B 434 6.34 16.48 4.71
N PHE B 435 7.24 15.64 5.23
CA PHE B 435 7.05 14.17 5.24
C PHE B 435 6.42 13.75 6.55
N GLY B 436 6.41 14.66 7.52
CA GLY B 436 5.82 14.37 8.81
C GLY B 436 6.80 13.79 9.81
N ASP B 437 8.07 14.01 9.58
CA ASP B 437 9.10 13.50 10.46
C ASP B 437 9.50 14.57 11.47
N GLY B 438 10.22 14.16 12.50
CA GLY B 438 10.70 15.09 13.51
C GLY B 438 12.17 15.41 13.23
N MET B 439 12.80 16.19 14.10
CA MET B 439 14.21 16.57 13.94
C MET B 439 15.18 15.45 14.35
N GLY B 440 16.23 15.28 13.56
CA GLY B 440 17.20 14.22 13.81
C GLY B 440 18.36 14.52 14.76
N ARG B 441 18.14 14.25 16.04
CA ARG B 441 19.16 14.46 17.07
C ARG B 441 19.32 13.19 17.92
N TYR B 442 20.56 12.74 18.08
CA TYR B 442 20.81 11.53 18.86
C TYR B 442 21.90 11.76 19.90
N ASN B 443 21.89 10.90 20.92
CA ASN B 443 22.91 10.94 21.96
C ASN B 443 23.65 9.62 21.89
N VAL B 444 24.97 9.66 22.06
CA VAL B 444 25.77 8.45 22.01
C VAL B 444 26.00 7.95 23.43
N PHE B 445 25.86 6.64 23.62
CA PHE B 445 26.04 6.03 24.94
C PHE B 445 27.12 4.96 24.97
N ASN B 446 27.72 4.81 26.14
CA ASN B 446 28.77 3.84 26.36
C ASN B 446 28.33 2.99 27.55
N LEU B 447 28.30 1.67 27.38
CA LEU B 447 27.90 0.81 28.47
C LEU B 447 29.07 0.67 29.43
N GLN B 448 28.92 1.18 30.64
CA GLN B 448 29.97 1.11 31.65
C GLN B 448 29.56 0.29 32.86
N GLN B 449 30.45 0.26 33.85
CA GLN B 449 30.22 -0.50 35.07
C GLN B 449 31.05 0.06 36.23
N THR B 450 31.89 1.05 35.91
CA THR B 450 32.77 1.70 36.88
C THR B 450 32.48 1.44 38.38
N GLY B 451 31.28 1.79 38.83
CA GLY B 451 30.93 1.59 40.23
C GLY B 451 30.28 0.24 40.55
N GLY B 452 30.90 -0.84 40.08
CA GLY B 452 30.37 -2.18 40.33
C GLY B 452 29.13 -2.51 39.51
N LYS B 453 28.26 -1.52 39.36
CA LYS B 453 26.99 -1.64 38.63
C LYS B 453 27.15 -1.21 37.16
N TYR B 454 26.45 -1.89 36.27
CA TYR B 454 26.49 -1.59 34.85
C TYR B 454 25.41 -0.56 34.48
N SER B 455 25.83 0.49 33.77
CA SER B 455 24.93 1.57 33.36
C SER B 455 25.41 2.22 32.06
N TYR B 456 24.57 3.06 31.46
CA TYR B 456 24.97 3.74 30.24
C TYR B 456 25.36 5.19 30.51
N LEU B 457 26.45 5.61 29.88
CA LEU B 457 26.95 6.98 30.05
C LEU B 457 26.96 7.70 28.71
N LYS B 458 26.40 8.90 28.70
CA LYS B 458 26.37 9.69 27.48
C LYS B 458 27.81 10.12 27.20
N VAL B 459 28.34 9.68 26.06
CA VAL B 459 29.71 10.02 25.71
C VAL B 459 29.78 10.84 24.43
N GLY B 460 28.66 11.46 24.06
CA GLY B 460 28.62 12.28 22.87
C GLY B 460 27.22 12.46 22.32
N HIS B 461 27.13 13.03 21.12
CA HIS B 461 25.85 13.26 20.49
C HIS B 461 26.04 13.65 19.02
N TRP B 462 24.98 13.49 18.24
CA TRP B 462 25.04 13.83 16.82
C TRP B 462 23.89 14.75 16.42
N ALA B 463 24.21 16.00 16.17
CA ALA B 463 23.20 16.96 15.78
C ALA B 463 23.19 16.99 14.26
N GLU B 464 24.29 17.46 13.68
CA GLU B 464 24.39 17.53 12.24
C GLU B 464 25.78 16.99 11.91
N THR B 465 26.63 17.03 12.93
CA THR B 465 28.00 16.55 12.86
C THR B 465 28.24 15.78 14.15
N LEU B 466 29.18 14.83 14.12
CA LEU B 466 29.46 14.08 15.32
C LEU B 466 30.15 14.95 16.37
N SER B 467 30.11 14.49 17.60
CA SER B 467 30.70 15.20 18.72
C SER B 467 30.68 14.31 19.95
N LEU B 468 31.85 13.97 20.47
CA LEU B 468 31.94 13.12 21.65
C LEU B 468 33.29 13.24 22.33
N ASP B 469 33.31 13.36 23.66
CA ASP B 469 34.57 13.45 24.37
C ASP B 469 35.11 12.02 24.52
N VAL B 470 36.04 11.67 23.65
CA VAL B 470 36.61 10.33 23.64
C VAL B 470 37.21 9.89 24.97
N ASP B 471 37.65 10.87 25.75
CA ASP B 471 38.26 10.56 27.05
C ASP B 471 37.41 9.79 28.06
N SER B 472 36.10 10.06 28.09
CA SER B 472 35.21 9.39 29.05
C SER B 472 34.71 8.00 28.65
N ILE B 473 35.02 7.58 27.43
CA ILE B 473 34.58 6.27 26.92
C ILE B 473 35.40 5.10 27.46
N HIS B 474 34.71 4.16 28.12
CA HIS B 474 35.33 2.98 28.67
C HIS B 474 35.25 1.81 27.68
N TRP B 475 36.26 1.63 26.85
CA TRP B 475 36.24 0.54 25.88
C TRP B 475 36.27 -0.85 26.51
N SER B 476 36.12 -1.86 25.64
CA SER B 476 36.14 -3.27 26.03
C SER B 476 37.62 -3.65 26.00
N ARG B 477 38.09 -4.37 27.02
CA ARG B 477 39.49 -4.76 27.09
C ARG B 477 40.41 -3.53 27.18
N ASN B 478 39.94 -2.53 27.93
CA ASN B 478 40.66 -1.27 28.17
C ASN B 478 41.42 -0.57 27.04
N SER B 479 41.31 -1.08 25.81
CA SER B 479 42.02 -0.43 24.71
C SER B 479 41.08 -0.03 23.58
N VAL B 480 41.23 1.19 23.10
CA VAL B 480 40.40 1.68 22.01
C VAL B 480 40.53 0.69 20.85
N PRO B 481 39.49 -0.14 20.63
CA PRO B 481 39.42 -1.16 19.60
C PRO B 481 40.12 -0.83 18.28
N THR B 482 40.53 -1.89 17.59
CA THR B 482 41.15 -1.79 16.29
C THR B 482 40.32 -2.69 15.39
N SER B 483 39.79 -2.13 14.31
CA SER B 483 38.97 -2.93 13.43
C SER B 483 39.30 -2.67 11.97
N GLN B 484 40.34 -3.34 11.47
CA GLN B 484 40.76 -3.20 10.09
C GLN B 484 40.92 -4.58 9.44
N CYS B 485 40.82 -4.63 8.12
CA CYS B 485 40.87 -5.86 7.34
C CYS B 485 42.10 -6.77 7.44
N SER B 486 43.29 -6.20 7.31
CA SER B 486 44.50 -7.01 7.34
C SER B 486 45.35 -6.75 8.58
N ASP B 487 46.21 -7.71 8.91
CA ASP B 487 47.09 -7.61 10.07
C ASP B 487 48.16 -6.53 9.88
N PRO B 488 48.54 -5.85 10.97
CA PRO B 488 49.56 -4.79 10.87
C PRO B 488 50.91 -5.38 10.45
N CYS B 489 51.70 -4.58 9.73
CA CYS B 489 52.98 -5.04 9.24
C CYS B 489 54.08 -5.14 10.30
N ALA B 490 55.00 -6.06 10.07
CA ALA B 490 56.14 -6.25 10.95
C ALA B 490 56.98 -5.01 10.76
N PRO B 491 57.50 -4.46 11.86
CA PRO B 491 58.31 -3.24 11.73
C PRO B 491 59.53 -3.49 10.87
N ASN B 492 60.44 -4.26 11.44
CA ASN B 492 61.73 -4.62 10.85
C ASN B 492 61.83 -4.57 9.34
N GLU B 493 60.78 -4.91 8.61
CA GLU B 493 60.94 -4.90 7.16
C GLU B 493 59.71 -4.63 6.31
N MET B 494 58.62 -5.29 6.66
CA MET B 494 57.39 -5.16 5.91
C MET B 494 56.93 -3.74 5.59
N LYS B 495 56.41 -3.57 4.38
CA LYS B 495 55.88 -2.29 3.92
C LYS B 495 54.39 -2.55 3.74
N ASN B 496 53.59 -1.49 3.82
CA ASN B 496 52.13 -1.63 3.66
C ASN B 496 51.84 -1.53 2.17
N MET B 497 51.00 -2.41 1.66
CA MET B 497 50.63 -2.40 0.24
C MET B 497 49.13 -2.55 0.03
N GLN B 498 48.52 -1.56 -0.60
CA GLN B 498 47.08 -1.58 -0.87
C GLN B 498 46.76 -2.24 -2.21
N PRO B 499 46.05 -3.38 -2.20
CA PRO B 499 45.71 -4.04 -3.46
C PRO B 499 44.67 -3.28 -4.32
N GLY B 500 43.44 -3.78 -4.38
CA GLY B 500 42.40 -3.13 -5.17
C GLY B 500 41.48 -2.21 -4.40
N ASP B 501 41.23 -2.54 -3.14
CA ASP B 501 40.35 -1.74 -2.28
C ASP B 501 41.11 -0.69 -1.46
N VAL B 502 40.54 -0.32 -0.32
CA VAL B 502 41.14 0.68 0.55
C VAL B 502 40.96 0.28 2.01
N CYS B 503 40.77 -1.02 2.22
CA CYS B 503 40.57 -1.56 3.55
C CYS B 503 41.59 -2.66 3.87
N CYS B 504 41.93 -3.45 2.87
CA CYS B 504 42.87 -4.55 3.04
C CYS B 504 44.22 -4.22 2.43
N TRP B 505 45.25 -4.92 2.90
CA TRP B 505 46.60 -4.72 2.41
C TRP B 505 47.48 -5.92 2.71
N ILE B 506 48.62 -6.00 2.01
CA ILE B 506 49.58 -7.07 2.23
C ILE B 506 50.87 -6.45 2.74
N CYS B 507 51.62 -7.22 3.53
CA CYS B 507 52.88 -6.72 4.08
C CYS B 507 54.08 -7.36 3.38
N ILE B 508 54.77 -6.55 2.58
CA ILE B 508 55.94 -6.98 1.83
C ILE B 508 57.23 -6.64 2.56
N PRO B 509 57.94 -7.65 3.11
CA PRO B 509 59.20 -7.32 3.79
C PRO B 509 60.16 -6.71 2.81
N CYS B 510 61.12 -5.94 3.30
CA CYS B 510 62.04 -5.29 2.39
C CYS B 510 63.43 -5.86 2.32
N GLU B 511 64.14 -5.52 1.25
CA GLU B 511 65.49 -5.99 1.06
C GLU B 511 66.35 -5.52 2.23
N PRO B 512 67.28 -6.38 2.67
CA PRO B 512 68.13 -5.98 3.80
C PRO B 512 68.84 -4.65 3.61
N TYR B 513 68.93 -4.19 2.36
CA TYR B 513 69.59 -2.92 2.04
C TYR B 513 68.62 -1.75 1.82
N GLU B 514 67.34 -1.97 2.16
CA GLU B 514 66.33 -0.94 2.01
C GLU B 514 65.80 -0.52 3.37
N TYR B 515 65.24 0.68 3.44
CA TYR B 515 64.67 1.16 4.68
C TYR B 515 63.25 1.59 4.37
N LEU B 516 62.51 1.96 5.39
CA LEU B 516 61.14 2.38 5.22
C LEU B 516 61.08 3.90 5.14
N VAL B 517 60.92 4.43 3.91
CA VAL B 517 60.83 5.88 3.71
C VAL B 517 59.45 6.32 4.20
N ASP B 518 58.61 5.35 4.50
CA ASP B 518 57.27 5.58 5.01
C ASP B 518 56.56 4.23 5.06
N GLU B 519 55.57 4.14 5.93
CA GLU B 519 54.78 2.93 6.12
C GLU B 519 54.42 2.15 4.83
N PHE B 520 54.43 2.81 3.69
CA PHE B 520 54.07 2.12 2.45
C PHE B 520 55.20 1.94 1.44
N THR B 521 56.31 2.64 1.63
CA THR B 521 57.39 2.55 0.67
C THR B 521 58.77 2.14 1.14
N CYS B 522 59.38 1.24 0.36
CA CYS B 522 60.73 0.81 0.66
C CYS B 522 61.67 1.40 -0.33
N MET B 523 62.84 1.80 0.15
CA MET B 523 63.80 2.39 -0.74
C MET B 523 65.21 1.93 -0.43
N ASP B 524 65.99 1.79 -1.49
CA ASP B 524 67.37 1.39 -1.43
C ASP B 524 68.15 2.53 -0.76
N CYS B 525 68.96 2.19 0.23
CA CYS B 525 69.74 3.18 0.96
C CYS B 525 70.82 3.80 0.11
N GLY B 526 71.01 3.25 -1.08
CA GLY B 526 72.04 3.77 -1.97
C GLY B 526 73.40 3.27 -1.50
N PRO B 527 74.40 3.26 -2.40
CA PRO B 527 75.76 2.81 -2.09
C PRO B 527 76.41 3.54 -0.92
N GLY B 528 77.23 2.80 -0.18
CA GLY B 528 77.92 3.34 0.96
C GLY B 528 77.09 3.31 2.22
N GLN B 529 75.78 3.42 2.06
CA GLN B 529 74.87 3.42 3.20
C GLN B 529 74.13 2.11 3.42
N TRP B 530 73.62 1.93 4.63
CA TRP B 530 72.89 0.72 5.03
C TRP B 530 71.78 1.12 6.00
N PRO B 531 70.62 0.48 5.91
CA PRO B 531 69.49 0.80 6.80
C PRO B 531 69.76 0.63 8.29
N THR B 532 69.18 1.50 9.10
CA THR B 532 69.34 1.42 10.55
C THR B 532 68.48 0.28 11.03
N ALA B 533 68.85 -0.29 12.17
CA ALA B 533 68.10 -1.40 12.77
C ALA B 533 66.64 -1.00 12.77
N ASP B 534 66.42 0.24 13.17
CA ASP B 534 65.12 0.89 13.26
C ASP B 534 64.41 0.89 11.88
N LEU B 535 65.20 1.14 10.83
CA LEU B 535 64.73 1.20 9.44
C LEU B 535 64.16 2.56 9.04
N SER B 536 64.31 3.55 9.92
CA SER B 536 63.82 4.89 9.66
C SER B 536 64.80 5.69 8.82
N GLY B 537 66.07 5.30 8.88
CA GLY B 537 67.08 6.01 8.10
C GLY B 537 68.22 5.12 7.64
N CYS B 538 69.21 5.74 7.02
CA CYS B 538 70.39 5.01 6.53
C CYS B 538 71.64 5.56 7.17
N TYR B 539 72.62 4.71 7.43
CA TYR B 539 73.87 5.16 8.02
C TYR B 539 75.02 4.73 7.13
N ASN B 540 76.15 5.44 7.22
CA ASN B 540 77.32 5.13 6.40
C ASN B 540 77.98 3.82 6.82
N LEU B 541 78.60 3.15 5.86
CA LEU B 541 79.26 1.88 6.14
C LEU B 541 80.74 2.05 6.34
N PRO B 542 81.29 1.44 7.40
CA PRO B 542 82.73 1.55 7.64
C PRO B 542 83.51 0.63 6.69
N GLU B 543 84.81 0.43 6.99
CA GLU B 543 85.68 -0.44 6.21
C GLU B 543 86.12 0.12 4.84
#